data_8OQW
#
_entry.id   8OQW
#
_cell.length_a   58.759
_cell.length_b   59.510
_cell.length_c   96.708
_cell.angle_alpha   74.300
_cell.angle_beta   75.274
_cell.angle_gamma   65.953
#
_symmetry.space_group_name_H-M   'P 1'
#
loop_
_entity.id
_entity.type
_entity.pdbx_description
1 polymer ATPase
2 non-polymer 'SULFATE ION'
3 non-polymer GLYCEROL
4 water water
#
_entity_poly.entity_id   1
_entity_poly.type   'polypeptide(L)'
_entity_poly.pdbx_seq_one_letter_code
;MILIADSGSTKTHWNVLDQGRVIGEIFTKGMNPFFQTPEEMGREIERTLLPQLNSNRFCEVHFFGAGCIPEKVPVVRNVL
KGCLDVSSLIEVDTDMLAAAKASCGRSPGIVCIMGTGSNSCFYDGEKIAANVSPLGFILGDEGSGAVLGKLLIGDLLKNQ
MGEELKEKFLRQYELTPANIIERVYRQPFPNRFLAGISPFLAENIEHPAIHSLVLNAFKSFLTRNVMQFDYTRYKAHFIG
SVAYYYKDILEEAAAATGIRTGTIVRNPMEGLRTYYSTVAKTV
;
_entity_poly.pdbx_strand_id   A,B,C,D
#
loop_
_chem_comp.id
_chem_comp.type
_chem_comp.name
_chem_comp.formula
GOL non-polymer GLYCEROL 'C3 H8 O3'
SO4 non-polymer 'SULFATE ION' 'O4 S -2'
#
# COMPACT_ATOMS: atom_id res chain seq x y z
N MET A 1 -12.58 -0.04 33.90
CA MET A 1 -13.41 0.29 32.72
C MET A 1 -13.31 -0.83 31.68
N ILE A 2 -14.41 -1.07 30.95
CA ILE A 2 -14.35 -1.97 29.82
C ILE A 2 -14.74 -1.26 28.54
N LEU A 3 -14.09 -1.67 27.45
CA LEU A 3 -14.37 -1.18 26.11
C LEU A 3 -15.00 -2.30 25.32
N ILE A 4 -16.07 -1.95 24.62
CA ILE A 4 -16.86 -2.89 23.84
C ILE A 4 -17.01 -2.34 22.42
N ALA A 5 -16.84 -3.21 21.42
CA ALA A 5 -16.97 -2.77 20.04
C ALA A 5 -17.76 -3.80 19.24
N ASP A 6 -18.63 -3.29 18.37
CA ASP A 6 -19.25 -4.10 17.33
C ASP A 6 -18.91 -3.47 16.00
N SER A 7 -18.13 -4.19 15.20
CA SER A 7 -17.64 -3.69 13.92
C SER A 7 -18.39 -4.34 12.76
N GLY A 8 -19.08 -3.50 11.97
CA GLY A 8 -19.77 -3.95 10.79
C GLY A 8 -19.13 -3.40 9.51
N SER A 9 -19.90 -3.42 8.42
CA SER A 9 -19.38 -3.03 7.12
C SER A 9 -19.11 -1.53 7.11
N THR A 10 -20.12 -0.77 7.53
CA THR A 10 -20.12 0.67 7.34
C THR A 10 -19.47 1.40 8.52
N LYS A 11 -19.20 0.68 9.63
CA LYS A 11 -18.93 1.38 10.88
C LYS A 11 -18.55 0.42 12.02
N THR A 12 -17.78 0.94 12.99
CA THR A 12 -17.61 0.28 14.27
C THR A 12 -18.24 1.14 15.36
N HIS A 13 -19.10 0.49 16.16
CA HIS A 13 -19.75 1.09 17.30
C HIS A 13 -19.04 0.66 18.59
N TRP A 14 -18.60 1.63 19.40
CA TRP A 14 -17.85 1.40 20.63
C TRP A 14 -18.64 1.94 21.81
N ASN A 15 -18.66 1.19 22.91
CA ASN A 15 -19.15 1.69 24.19
C ASN A 15 -18.05 1.54 25.24
N VAL A 16 -17.97 2.51 26.15
CA VAL A 16 -17.12 2.41 27.33
C VAL A 16 -18.04 2.30 28.56
N LEU A 17 -17.84 1.22 29.33
CA LEU A 17 -18.62 0.99 30.53
C LEU A 17 -17.66 1.04 31.71
N ASP A 18 -18.08 1.71 32.79
CA ASP A 18 -17.29 1.79 34.01
C ASP A 18 -18.27 1.81 35.16
N GLN A 19 -18.05 0.90 36.13
CA GLN A 19 -18.93 0.78 37.29
C GLN A 19 -20.36 0.57 36.81
N GLY A 20 -20.54 -0.17 35.70
CA GLY A 20 -21.86 -0.48 35.16
C GLY A 20 -22.59 0.72 34.55
N ARG A 21 -21.85 1.80 34.24
CA ARG A 21 -22.40 2.97 33.58
C ARG A 21 -21.79 3.10 32.18
N VAL A 22 -22.55 3.66 31.25
CA VAL A 22 -22.02 4.02 29.94
C VAL A 22 -21.38 5.40 30.08
N ILE A 23 -20.10 5.51 29.76
CA ILE A 23 -19.43 6.80 29.89
C ILE A 23 -18.88 7.25 28.54
N GLY A 24 -19.05 6.41 27.52
CA GLY A 24 -18.63 6.80 26.18
C GLY A 24 -19.30 5.95 25.12
N GLU A 25 -19.74 6.61 24.06
CA GLU A 25 -20.25 5.91 22.87
C GLU A 25 -19.65 6.57 21.64
N ILE A 26 -19.05 5.74 20.79
CA ILE A 26 -18.14 6.20 19.75
C ILE A 26 -18.42 5.41 18.48
N PHE A 27 -18.49 6.13 17.35
CA PHE A 27 -18.42 5.54 16.04
C PHE A 27 -17.04 5.76 15.44
N THR A 28 -16.48 4.69 14.83
CA THR A 28 -15.36 4.78 13.91
C THR A 28 -15.73 4.08 12.60
N LYS A 29 -14.81 4.13 11.62
CA LYS A 29 -14.94 3.31 10.44
C LYS A 29 -14.93 1.83 10.80
N GLY A 30 -15.53 1.01 9.94
CA GLY A 30 -15.53 -0.44 10.10
C GLY A 30 -14.10 -0.97 10.09
N MET A 31 -13.83 -1.99 10.91
CA MET A 31 -12.47 -2.47 11.06
C MET A 31 -12.40 -3.97 10.77
N ASN A 32 -12.62 -4.33 9.50
CA ASN A 32 -12.59 -5.71 9.06
C ASN A 32 -11.18 -6.06 8.59
N PRO A 33 -10.50 -7.03 9.25
CA PRO A 33 -9.11 -7.36 8.94
C PRO A 33 -8.85 -7.99 7.56
N PHE A 34 -9.92 -8.29 6.81
CA PHE A 34 -9.78 -8.74 5.43
C PHE A 34 -9.61 -7.58 4.47
N PHE A 35 -10.00 -6.37 4.91
CA PHE A 35 -10.10 -5.23 4.02
C PHE A 35 -9.08 -4.14 4.39
N GLN A 36 -8.44 -4.29 5.55
CA GLN A 36 -7.42 -3.32 5.97
C GLN A 36 -6.28 -4.04 6.67
N THR A 37 -5.07 -3.48 6.53
CA THR A 37 -3.88 -3.98 7.19
C THR A 37 -3.90 -3.59 8.68
N PRO A 38 -3.10 -4.25 9.55
CA PRO A 38 -2.94 -3.81 10.93
C PRO A 38 -2.52 -2.34 11.07
N GLU A 39 -1.63 -1.87 10.19
CA GLU A 39 -1.17 -0.49 10.24
C GLU A 39 -2.36 0.45 10.08
N GLU A 40 -3.24 0.15 9.10
CA GLU A 40 -4.38 1.00 8.82
C GLU A 40 -5.34 0.99 10.00
N MET A 41 -5.53 -0.18 10.63
CA MET A 41 -6.46 -0.25 11.74
C MET A 41 -5.92 0.56 12.92
N GLY A 42 -4.64 0.37 13.25
CA GLY A 42 -3.96 1.11 14.30
C GLY A 42 -4.04 2.63 14.10
N ARG A 43 -3.89 3.09 12.85
CA ARG A 43 -3.94 4.51 12.55
C ARG A 43 -5.36 5.04 12.72
N GLU A 44 -6.35 4.20 12.39
CA GLU A 44 -7.75 4.57 12.49
C GLU A 44 -8.15 4.70 13.97
N ILE A 45 -7.61 3.82 14.81
CA ILE A 45 -7.84 3.89 16.25
C ILE A 45 -7.24 5.18 16.79
N GLU A 46 -6.02 5.50 16.35
CA GLU A 46 -5.29 6.66 16.87
C GLU A 46 -6.02 7.94 16.46
N ARG A 47 -6.57 7.95 15.24
CA ARG A 47 -7.14 9.14 14.65
C ARG A 47 -8.52 9.44 15.23
N THR A 48 -9.33 8.40 15.45
CA THR A 48 -10.76 8.60 15.64
C THR A 48 -11.31 7.95 16.90
N LEU A 49 -10.59 6.99 17.50
CA LEU A 49 -11.08 6.38 18.73
C LEU A 49 -10.49 7.08 19.96
N LEU A 50 -9.15 7.12 20.05
CA LEU A 50 -8.42 7.66 21.18
C LEU A 50 -8.99 9.02 21.61
N PRO A 51 -9.27 9.97 20.66
CA PRO A 51 -9.72 11.32 21.03
C PRO A 51 -11.04 11.36 21.81
N GLN A 52 -11.75 10.24 21.86
CA GLN A 52 -13.04 10.17 22.52
C GLN A 52 -12.99 9.22 23.72
N LEU A 53 -11.80 8.69 24.02
CA LEU A 53 -11.57 7.88 25.21
C LEU A 53 -11.01 8.78 26.32
N ASN A 54 -11.25 8.39 27.58
CA ASN A 54 -10.83 9.18 28.73
C ASN A 54 -9.56 8.57 29.33
N SER A 55 -9.16 7.43 28.78
CA SER A 55 -7.92 6.77 29.17
C SER A 55 -7.47 5.84 28.05
N ASN A 56 -6.19 5.46 28.09
CA ASN A 56 -5.66 4.39 27.26
C ASN A 56 -5.78 3.05 28.00
N ARG A 57 -6.27 3.11 29.25
CA ARG A 57 -6.20 1.96 30.13
C ARG A 57 -7.59 1.34 30.29
N PHE A 58 -7.67 0.04 30.01
CA PHE A 58 -8.91 -0.71 30.17
C PHE A 58 -8.64 -2.03 30.89
N CYS A 59 -9.59 -2.41 31.75
N CYS A 59 -9.61 -2.42 31.72
CA CYS A 59 -9.58 -3.73 32.38
CA CYS A 59 -9.56 -3.71 32.37
C CYS A 59 -9.78 -4.80 31.31
C CYS A 59 -9.81 -4.82 31.34
N GLU A 60 -10.80 -4.59 30.46
CA GLU A 60 -11.19 -5.56 29.44
C GLU A 60 -11.52 -4.84 28.13
N VAL A 61 -11.20 -5.51 27.02
CA VAL A 61 -11.66 -5.11 25.70
C VAL A 61 -12.39 -6.29 25.09
N HIS A 62 -13.62 -6.06 24.61
CA HIS A 62 -14.34 -7.05 23.84
C HIS A 62 -14.61 -6.47 22.46
N PHE A 63 -13.85 -6.92 21.47
CA PHE A 63 -14.00 -6.47 20.10
C PHE A 63 -14.66 -7.56 19.26
N PHE A 64 -15.84 -7.23 18.72
CA PHE A 64 -16.61 -8.13 17.90
C PHE A 64 -16.73 -7.54 16.50
N GLY A 65 -16.31 -8.30 15.48
CA GLY A 65 -16.35 -7.70 14.16
C GLY A 65 -16.44 -8.73 13.05
N ALA A 66 -17.15 -8.36 11.98
CA ALA A 66 -17.12 -9.10 10.74
C ALA A 66 -15.66 -9.34 10.36
N GLY A 67 -15.38 -10.59 9.98
CA GLY A 67 -14.09 -10.98 9.42
C GLY A 67 -13.08 -11.38 10.50
N CYS A 68 -13.48 -11.34 11.77
CA CYS A 68 -12.58 -11.64 12.87
C CYS A 68 -12.65 -13.11 13.23
N ILE A 69 -12.30 -13.95 12.24
CA ILE A 69 -12.34 -15.40 12.39
C ILE A 69 -11.01 -15.81 13.04
N PRO A 70 -10.87 -17.07 13.51
CA PRO A 70 -9.67 -17.50 14.23
C PRO A 70 -8.35 -17.10 13.56
N GLU A 71 -8.29 -17.17 12.23
CA GLU A 71 -7.13 -16.83 11.43
C GLU A 71 -6.69 -15.38 11.68
N LYS A 72 -7.66 -14.50 11.94
CA LYS A 72 -7.40 -13.06 11.95
C LYS A 72 -7.43 -12.49 13.37
N VAL A 73 -7.93 -13.28 14.33
CA VAL A 73 -8.01 -12.88 15.72
C VAL A 73 -6.65 -12.34 16.19
N PRO A 74 -5.52 -13.09 16.10
CA PRO A 74 -4.23 -12.63 16.63
C PRO A 74 -3.83 -11.25 16.14
N VAL A 75 -4.09 -10.99 14.85
CA VAL A 75 -3.71 -9.78 14.14
C VAL A 75 -4.42 -8.57 14.76
N VAL A 76 -5.73 -8.71 14.96
CA VAL A 76 -6.59 -7.66 15.47
C VAL A 76 -6.21 -7.39 16.93
N ARG A 77 -5.94 -8.48 17.68
CA ARG A 77 -5.65 -8.39 19.10
C ARG A 77 -4.35 -7.62 19.31
N ASN A 78 -3.36 -7.88 18.46
CA ASN A 78 -2.06 -7.22 18.56
C ASN A 78 -2.19 -5.72 18.29
N VAL A 79 -3.12 -5.33 17.42
CA VAL A 79 -3.38 -3.92 17.15
C VAL A 79 -3.98 -3.30 18.42
N LEU A 80 -4.99 -3.97 19.01
CA LEU A 80 -5.64 -3.46 20.20
C LEU A 80 -4.65 -3.38 21.37
N LYS A 81 -3.76 -4.37 21.46
CA LYS A 81 -2.75 -4.45 22.50
C LYS A 81 -1.81 -3.26 22.38
N GLY A 82 -1.45 -2.90 21.14
CA GLY A 82 -0.47 -1.86 20.87
C GLY A 82 -1.02 -0.46 21.15
N CYS A 83 -2.34 -0.30 21.00
CA CYS A 83 -3.00 0.99 21.12
C CYS A 83 -3.46 1.27 22.55
N LEU A 84 -3.97 0.23 23.24
CA LEU A 84 -4.52 0.40 24.58
C LEU A 84 -3.66 -0.34 25.60
N ASP A 85 -3.77 0.05 26.88
CA ASP A 85 -3.15 -0.68 27.97
C ASP A 85 -4.22 -1.51 28.67
N VAL A 86 -4.30 -2.79 28.33
CA VAL A 86 -5.35 -3.65 28.84
C VAL A 86 -4.78 -4.52 29.95
N SER A 87 -5.38 -4.44 31.14
CA SER A 87 -4.81 -5.12 32.31
C SER A 87 -5.15 -6.61 32.34
N SER A 88 -6.30 -7.01 31.77
CA SER A 88 -6.80 -8.36 31.98
C SER A 88 -7.08 -9.11 30.69
N LEU A 89 -8.09 -8.69 29.91
CA LEU A 89 -8.41 -9.51 28.77
C LEU A 89 -8.74 -8.68 27.54
N ILE A 90 -8.42 -9.27 26.39
CA ILE A 90 -8.70 -8.70 25.09
C ILE A 90 -9.39 -9.78 24.27
N GLU A 91 -10.71 -9.75 24.27
CA GLU A 91 -11.48 -10.72 23.50
C GLU A 91 -11.67 -10.14 22.10
N VAL A 92 -11.38 -10.97 21.10
CA VAL A 92 -11.64 -10.65 19.71
C VAL A 92 -12.45 -11.82 19.15
N ASP A 93 -13.62 -11.50 18.58
CA ASP A 93 -14.51 -12.51 18.00
C ASP A 93 -15.39 -11.82 16.96
N THR A 94 -16.41 -12.54 16.48
CA THR A 94 -17.16 -12.10 15.31
C THR A 94 -18.31 -11.18 15.75
N ASP A 95 -18.87 -10.45 14.79
CA ASP A 95 -20.05 -9.64 15.05
C ASP A 95 -21.24 -10.56 15.34
N MET A 96 -21.18 -11.79 14.82
CA MET A 96 -22.22 -12.78 15.00
C MET A 96 -22.34 -13.13 16.49
N LEU A 97 -21.20 -13.25 17.19
CA LEU A 97 -21.20 -13.59 18.61
C LEU A 97 -21.65 -12.40 19.46
N ALA A 98 -21.26 -11.18 19.07
CA ALA A 98 -21.82 -9.96 19.64
C ALA A 98 -23.35 -10.02 19.65
N ALA A 99 -23.96 -10.26 18.47
CA ALA A 99 -25.41 -10.32 18.33
C ALA A 99 -26.02 -11.42 19.23
N ALA A 100 -25.27 -12.49 19.45
CA ALA A 100 -25.76 -13.65 20.18
C ALA A 100 -25.78 -13.36 21.69
N LYS A 101 -24.68 -12.78 22.19
CA LYS A 101 -24.58 -12.33 23.57
C LYS A 101 -25.63 -11.26 23.84
N ALA A 102 -25.77 -10.31 22.89
CA ALA A 102 -26.69 -9.19 23.03
C ALA A 102 -28.14 -9.67 23.17
N SER A 103 -28.50 -10.73 22.44
CA SER A 103 -29.88 -11.11 22.25
C SER A 103 -30.28 -12.29 23.14
N CYS A 104 -29.35 -13.22 23.38
CA CYS A 104 -29.64 -14.47 24.08
C CYS A 104 -29.02 -14.51 25.46
N GLY A 105 -27.99 -13.69 25.69
CA GLY A 105 -27.25 -13.74 26.94
C GLY A 105 -26.55 -15.09 27.13
N ARG A 106 -27.01 -15.87 28.12
CA ARG A 106 -26.33 -17.11 28.45
C ARG A 106 -27.18 -18.32 28.09
N SER A 107 -28.31 -18.08 27.40
CA SER A 107 -29.19 -19.14 26.96
C SER A 107 -29.12 -19.33 25.44
N PRO A 108 -29.49 -20.53 24.93
CA PRO A 108 -29.41 -20.80 23.49
C PRO A 108 -30.44 -20.04 22.67
N GLY A 109 -30.15 -19.89 21.37
CA GLY A 109 -31.12 -19.41 20.41
C GLY A 109 -30.54 -19.46 19.00
N ILE A 110 -31.40 -19.27 18.01
CA ILE A 110 -30.96 -18.93 16.67
C ILE A 110 -30.79 -17.41 16.62
N VAL A 111 -29.67 -16.96 16.05
CA VAL A 111 -29.30 -15.57 16.05
C VAL A 111 -28.96 -15.18 14.60
N CYS A 112 -29.58 -14.11 14.11
CA CYS A 112 -29.32 -13.65 12.75
C CYS A 112 -28.94 -12.17 12.77
N ILE A 113 -28.09 -11.78 11.82
CA ILE A 113 -27.73 -10.39 11.55
C ILE A 113 -28.37 -10.01 10.22
N MET A 114 -29.10 -8.89 10.19
CA MET A 114 -29.62 -8.32 8.97
C MET A 114 -29.27 -6.85 8.94
N GLY A 115 -28.12 -6.55 8.33
CA GLY A 115 -27.59 -5.20 8.18
C GLY A 115 -27.18 -4.99 6.72
N THR A 116 -26.00 -4.41 6.50
CA THR A 116 -25.45 -4.31 5.15
C THR A 116 -25.29 -5.70 4.54
N GLY A 117 -24.76 -6.63 5.34
CA GLY A 117 -24.78 -8.05 5.02
C GLY A 117 -25.79 -8.78 5.90
N SER A 118 -25.89 -10.09 5.71
CA SER A 118 -26.67 -10.89 6.64
C SER A 118 -25.87 -12.11 7.10
N ASN A 119 -26.32 -12.74 8.18
CA ASN A 119 -25.66 -13.92 8.68
C ASN A 119 -26.63 -14.62 9.61
N SER A 120 -26.37 -15.91 9.87
CA SER A 120 -27.21 -16.69 10.77
C SER A 120 -26.41 -17.81 11.40
N CYS A 121 -26.79 -18.15 12.63
CA CYS A 121 -26.05 -19.12 13.41
C CYS A 121 -26.94 -19.67 14.52
N PHE A 122 -26.49 -20.77 15.11
CA PHE A 122 -27.05 -21.27 16.36
C PHE A 122 -26.02 -21.07 17.47
N TYR A 123 -26.47 -20.39 18.52
CA TYR A 123 -25.68 -20.06 19.69
C TYR A 123 -26.13 -20.98 20.82
N ASP A 124 -25.18 -21.67 21.46
CA ASP A 124 -25.54 -22.68 22.44
C ASP A 124 -25.60 -22.07 23.84
N GLY A 125 -25.40 -20.75 23.94
CA GLY A 125 -25.45 -20.06 25.22
C GLY A 125 -24.05 -19.65 25.68
N GLU A 126 -23.03 -20.08 24.95
CA GLU A 126 -21.66 -19.79 25.33
C GLU A 126 -20.90 -19.33 24.08
N LYS A 127 -21.20 -19.98 22.94
CA LYS A 127 -20.48 -19.78 21.71
C LYS A 127 -21.41 -20.09 20.54
N ILE A 128 -20.96 -19.75 19.32
CA ILE A 128 -21.61 -20.17 18.10
C ILE A 128 -21.24 -21.64 17.84
N ALA A 129 -22.26 -22.51 17.80
CA ALA A 129 -22.05 -23.95 17.64
C ALA A 129 -22.22 -24.36 16.17
N ALA A 130 -22.91 -23.54 15.39
CA ALA A 130 -23.20 -23.81 13.99
C ALA A 130 -23.53 -22.51 13.30
N ASN A 131 -23.33 -22.46 11.97
CA ASN A 131 -23.56 -21.24 11.23
C ASN A 131 -23.77 -21.60 9.75
N VAL A 132 -24.52 -20.74 9.05
CA VAL A 132 -24.63 -20.80 7.61
C VAL A 132 -23.78 -19.68 7.02
N SER A 133 -22.68 -20.04 6.34
CA SER A 133 -21.87 -19.04 5.67
C SER A 133 -22.73 -18.14 4.78
N PRO A 134 -22.66 -16.81 4.97
CA PRO A 134 -23.53 -15.89 4.25
C PRO A 134 -23.28 -15.80 2.74
N LEU A 135 -22.00 -15.78 2.34
CA LEU A 135 -21.52 -15.87 0.96
C LEU A 135 -21.48 -14.52 0.25
N GLY A 136 -21.92 -13.44 0.92
CA GLY A 136 -21.80 -12.11 0.33
C GLY A 136 -22.97 -11.75 -0.60
N PHE A 137 -22.96 -10.50 -1.08
CA PHE A 137 -24.12 -9.83 -1.65
C PHE A 137 -24.44 -10.32 -3.07
N ILE A 138 -23.48 -10.97 -3.73
CA ILE A 138 -23.70 -11.55 -5.04
C ILE A 138 -24.34 -12.95 -4.89
N LEU A 139 -23.70 -13.82 -4.09
CA LEU A 139 -24.01 -15.25 -4.06
C LEU A 139 -25.07 -15.55 -3.01
N GLY A 140 -25.19 -14.65 -2.01
CA GLY A 140 -26.00 -14.96 -0.84
C GLY A 140 -26.47 -13.69 -0.15
N ASP A 141 -26.19 -13.61 1.16
CA ASP A 141 -26.60 -12.51 2.02
C ASP A 141 -28.07 -12.18 1.81
N GLU A 142 -28.93 -13.20 1.70
CA GLU A 142 -30.36 -12.98 1.58
C GLU A 142 -30.83 -12.06 2.70
N GLY A 143 -31.78 -11.18 2.36
CA GLY A 143 -32.43 -10.29 3.32
C GLY A 143 -31.55 -9.12 3.76
N SER A 144 -30.31 -9.04 3.27
CA SER A 144 -29.40 -7.97 3.67
C SER A 144 -29.75 -6.68 2.96
N GLY A 145 -29.26 -5.56 3.51
CA GLY A 145 -29.41 -4.26 2.88
C GLY A 145 -28.87 -4.24 1.45
N ALA A 146 -27.70 -4.87 1.24
CA ALA A 146 -27.04 -4.79 -0.06
C ALA A 146 -27.83 -5.63 -1.05
N VAL A 147 -28.47 -6.71 -0.56
CA VAL A 147 -29.24 -7.59 -1.42
C VAL A 147 -30.56 -6.92 -1.78
N LEU A 148 -31.22 -6.31 -0.77
CA LEU A 148 -32.42 -5.52 -0.99
C LEU A 148 -32.17 -4.47 -2.07
N GLY A 149 -31.04 -3.75 -1.95
CA GLY A 149 -30.61 -2.79 -2.96
C GLY A 149 -30.41 -3.44 -4.33
N LYS A 150 -29.73 -4.58 -4.35
CA LYS A 150 -29.50 -5.31 -5.59
C LYS A 150 -30.83 -5.62 -6.28
N LEU A 151 -31.79 -6.16 -5.50
CA LEU A 151 -33.07 -6.59 -6.02
C LEU A 151 -33.85 -5.37 -6.53
N LEU A 152 -33.88 -4.30 -5.73
CA LEU A 152 -34.62 -3.08 -6.04
C LEU A 152 -34.13 -2.53 -7.37
N ILE A 153 -32.81 -2.31 -7.48
CA ILE A 153 -32.26 -1.71 -8.68
C ILE A 153 -32.56 -2.55 -9.92
N GLY A 154 -32.33 -3.87 -9.84
CA GLY A 154 -32.64 -4.80 -10.91
C GLY A 154 -34.08 -4.68 -11.41
N ASP A 155 -35.05 -4.67 -10.47
CA ASP A 155 -36.47 -4.57 -10.77
C ASP A 155 -36.82 -3.19 -11.34
N LEU A 156 -36.21 -2.13 -10.78
CA LEU A 156 -36.52 -0.78 -11.22
C LEU A 156 -36.11 -0.57 -12.67
N LEU A 157 -34.83 -0.83 -12.97
CA LEU A 157 -34.26 -0.54 -14.28
C LEU A 157 -34.74 -1.56 -15.31
N LYS A 158 -35.38 -2.65 -14.84
CA LYS A 158 -35.88 -3.66 -15.77
C LYS A 158 -37.35 -3.43 -16.04
N ASN A 159 -37.88 -2.28 -15.59
CA ASN A 159 -39.26 -1.87 -15.78
C ASN A 159 -40.23 -2.91 -15.21
N GLN A 160 -39.93 -3.46 -14.02
CA GLN A 160 -40.79 -4.47 -13.39
C GLN A 160 -41.67 -3.84 -12.30
N MET A 161 -41.46 -2.55 -12.04
CA MET A 161 -42.11 -1.86 -10.94
C MET A 161 -42.84 -0.62 -11.48
N GLY A 162 -42.77 -0.41 -12.79
CA GLY A 162 -43.42 0.73 -13.41
C GLY A 162 -42.51 1.95 -13.41
N GLU A 163 -43.00 3.05 -13.98
CA GLU A 163 -42.18 4.21 -14.30
C GLU A 163 -42.11 5.16 -13.10
N GLU A 164 -43.13 5.11 -12.24
CA GLU A 164 -43.23 6.03 -11.11
C GLU A 164 -42.12 5.77 -10.09
N LEU A 165 -41.95 4.50 -9.66
CA LEU A 165 -40.95 4.20 -8.65
C LEU A 165 -39.55 4.36 -9.24
N LYS A 166 -39.38 3.94 -10.50
CA LYS A 166 -38.09 4.00 -11.17
C LYS A 166 -37.59 5.43 -11.25
N GLU A 167 -38.48 6.35 -11.67
CA GLU A 167 -38.11 7.75 -11.87
C GLU A 167 -37.95 8.45 -10.52
N LYS A 168 -38.78 8.08 -9.55
CA LYS A 168 -38.69 8.63 -8.21
C LYS A 168 -37.33 8.26 -7.60
N PHE A 169 -36.90 7.01 -7.81
CA PHE A 169 -35.64 6.49 -7.28
C PHE A 169 -34.44 7.21 -7.89
N LEU A 170 -34.41 7.27 -9.23
CA LEU A 170 -33.28 7.85 -9.94
C LEU A 170 -33.15 9.33 -9.58
N ARG A 171 -34.28 10.02 -9.42
CA ARG A 171 -34.28 11.45 -9.12
C ARG A 171 -33.89 11.70 -7.66
N GLN A 172 -34.35 10.83 -6.77
CA GLN A 172 -34.08 10.96 -5.34
C GLN A 172 -32.58 10.88 -5.06
N TYR A 173 -31.90 9.90 -5.68
CA TYR A 173 -30.50 9.61 -5.40
C TYR A 173 -29.60 10.23 -6.48
N GLU A 174 -30.21 10.94 -7.43
CA GLU A 174 -29.55 11.64 -8.53
C GLU A 174 -28.65 10.67 -9.29
N LEU A 175 -29.20 9.49 -9.59
CA LEU A 175 -28.50 8.44 -10.30
C LEU A 175 -28.98 8.41 -11.75
N THR A 176 -28.15 7.82 -12.63
CA THR A 176 -28.61 7.38 -13.94
C THR A 176 -28.29 5.90 -14.02
N PRO A 177 -28.89 5.12 -14.94
CA PRO A 177 -28.48 3.73 -15.16
C PRO A 177 -26.96 3.54 -15.28
N ALA A 178 -26.32 4.35 -16.13
CA ALA A 178 -24.87 4.33 -16.33
C ALA A 178 -24.11 4.51 -15.01
N ASN A 179 -24.49 5.52 -14.20
CA ASN A 179 -23.91 5.73 -12.88
C ASN A 179 -24.02 4.46 -12.05
N ILE A 180 -25.21 3.84 -12.07
CA ILE A 180 -25.48 2.68 -11.24
C ILE A 180 -24.55 1.52 -11.63
N ILE A 181 -24.47 1.23 -12.94
CA ILE A 181 -23.63 0.15 -13.46
C ILE A 181 -22.18 0.39 -13.04
N GLU A 182 -21.72 1.64 -13.18
CA GLU A 182 -20.35 2.00 -12.79
C GLU A 182 -20.13 1.70 -11.31
N ARG A 183 -21.04 2.20 -10.46
CA ARG A 183 -20.95 1.98 -9.02
C ARG A 183 -20.85 0.49 -8.72
N VAL A 184 -21.73 -0.29 -9.34
CA VAL A 184 -22.01 -1.66 -8.90
C VAL A 184 -20.90 -2.61 -9.36
N TYR A 185 -20.27 -2.32 -10.51
CA TYR A 185 -19.36 -3.25 -11.17
C TYR A 185 -17.92 -2.74 -11.19
N ARG A 186 -17.70 -1.43 -11.00
CA ARG A 186 -16.37 -0.91 -11.25
C ARG A 186 -15.90 0.08 -10.18
N GLN A 187 -16.63 0.17 -9.06
CA GLN A 187 -16.24 1.06 -7.97
C GLN A 187 -16.17 0.25 -6.66
N PRO A 188 -15.27 0.63 -5.72
CA PRO A 188 -15.13 -0.09 -4.45
C PRO A 188 -16.40 -0.18 -3.61
N PHE A 189 -16.53 -1.29 -2.87
CA PHE A 189 -17.63 -1.56 -1.94
C PHE A 189 -19.00 -1.34 -2.57
N PRO A 190 -19.34 -2.06 -3.68
CA PRO A 190 -20.69 -2.04 -4.24
C PRO A 190 -21.77 -2.45 -3.23
N ASN A 191 -21.43 -3.34 -2.30
CA ASN A 191 -22.35 -3.76 -1.25
C ASN A 191 -22.79 -2.55 -0.41
N ARG A 192 -21.90 -1.57 -0.21
CA ARG A 192 -22.22 -0.44 0.63
C ARG A 192 -23.06 0.57 -0.15
N PHE A 193 -22.76 0.70 -1.45
CA PHE A 193 -23.59 1.52 -2.31
C PHE A 193 -25.02 0.98 -2.31
N LEU A 194 -25.17 -0.34 -2.47
CA LEU A 194 -26.48 -0.94 -2.65
C LEU A 194 -27.28 -0.86 -1.35
N ALA A 195 -26.62 -1.07 -0.19
CA ALA A 195 -27.29 -0.98 1.09
C ALA A 195 -27.73 0.47 1.38
N GLY A 196 -26.94 1.43 0.88
CA GLY A 196 -27.21 2.84 1.10
C GLY A 196 -28.37 3.38 0.25
N ILE A 197 -28.75 2.67 -0.81
CA ILE A 197 -29.92 3.10 -1.57
C ILE A 197 -31.14 2.26 -1.15
N SER A 198 -30.95 1.33 -0.21
CA SER A 198 -32.01 0.39 0.12
C SER A 198 -33.10 1.05 0.97
N PRO A 199 -32.83 2.15 1.70
CA PRO A 199 -33.87 2.82 2.49
C PRO A 199 -35.08 3.34 1.72
N PHE A 200 -34.90 3.53 0.40
CA PHE A 200 -36.01 3.73 -0.53
C PHE A 200 -37.16 2.75 -0.24
N LEU A 201 -36.83 1.47 -0.02
CA LEU A 201 -37.84 0.46 0.26
C LEU A 201 -38.69 0.86 1.47
N ALA A 202 -38.05 1.18 2.61
CA ALA A 202 -38.76 1.55 3.82
C ALA A 202 -39.62 2.80 3.60
N GLU A 203 -39.11 3.73 2.79
CA GLU A 203 -39.80 4.98 2.52
C GLU A 203 -41.05 4.74 1.67
N ASN A 204 -41.07 3.61 0.93
CA ASN A 204 -42.08 3.37 -0.09
C ASN A 204 -42.80 2.05 0.19
N ILE A 205 -42.84 1.66 1.47
CA ILE A 205 -43.16 0.30 1.85
C ILE A 205 -44.63 -0.04 1.57
N GLU A 206 -45.47 0.99 1.45
CA GLU A 206 -46.90 0.82 1.29
C GLU A 206 -47.27 0.48 -0.16
N HIS A 207 -46.31 0.58 -1.08
CA HIS A 207 -46.55 0.18 -2.47
C HIS A 207 -46.38 -1.33 -2.63
N PRO A 208 -47.31 -2.02 -3.33
CA PRO A 208 -47.27 -3.47 -3.46
C PRO A 208 -45.96 -4.10 -3.92
N ALA A 209 -45.36 -3.53 -4.99
CA ALA A 209 -44.10 -4.02 -5.50
C ALA A 209 -43.01 -3.93 -4.42
N ILE A 210 -43.07 -2.90 -3.57
CA ILE A 210 -42.03 -2.64 -2.61
C ILE A 210 -42.16 -3.62 -1.43
N HIS A 211 -43.40 -3.76 -0.95
CA HIS A 211 -43.74 -4.73 0.08
C HIS A 211 -43.37 -6.15 -0.36
N SER A 212 -43.66 -6.50 -1.62
CA SER A 212 -43.41 -7.86 -2.11
C SER A 212 -41.92 -8.15 -2.20
N LEU A 213 -41.14 -7.18 -2.71
CA LEU A 213 -39.71 -7.38 -2.84
C LEU A 213 -39.11 -7.70 -1.48
N VAL A 214 -39.48 -6.92 -0.45
CA VAL A 214 -38.95 -7.08 0.90
C VAL A 214 -39.44 -8.40 1.50
N LEU A 215 -40.76 -8.65 1.43
CA LEU A 215 -41.31 -9.87 2.02
C LEU A 215 -40.64 -11.10 1.40
N ASN A 216 -40.53 -11.11 0.06
CA ASN A 216 -39.95 -12.26 -0.64
C ASN A 216 -38.48 -12.43 -0.28
N ALA A 217 -37.77 -11.30 -0.11
CA ALA A 217 -36.36 -11.32 0.21
C ALA A 217 -36.15 -11.91 1.61
N PHE A 218 -37.03 -11.53 2.55
CA PHE A 218 -37.02 -12.02 3.92
C PHE A 218 -37.36 -13.50 3.97
N LYS A 219 -38.36 -13.93 3.20
CA LYS A 219 -38.76 -15.33 3.20
C LYS A 219 -37.60 -16.18 2.68
N SER A 220 -36.84 -15.61 1.73
CA SER A 220 -35.68 -16.27 1.15
C SER A 220 -34.56 -16.41 2.16
N PHE A 221 -34.27 -15.36 2.93
CA PHE A 221 -33.30 -15.44 4.01
C PHE A 221 -33.71 -16.52 5.01
N LEU A 222 -35.01 -16.56 5.36
CA LEU A 222 -35.48 -17.50 6.37
C LEU A 222 -35.41 -18.95 5.88
N THR A 223 -35.86 -19.22 4.64
CA THR A 223 -35.90 -20.60 4.15
C THR A 223 -34.50 -21.11 3.85
N ARG A 224 -33.61 -20.21 3.39
CA ARG A 224 -32.29 -20.65 2.96
C ARG A 224 -31.30 -20.69 4.14
N ASN A 225 -31.53 -19.88 5.18
CA ASN A 225 -30.54 -19.73 6.24
C ASN A 225 -31.07 -20.31 7.56
N VAL A 226 -32.11 -19.68 8.11
CA VAL A 226 -32.59 -19.91 9.47
C VAL A 226 -33.18 -21.32 9.58
N MET A 227 -33.76 -21.83 8.50
CA MET A 227 -34.43 -23.12 8.54
C MET A 227 -33.42 -24.26 8.48
N GLN A 228 -32.12 -23.94 8.40
CA GLN A 228 -31.09 -24.97 8.51
C GLN A 228 -30.85 -25.30 9.98
N PHE A 229 -31.34 -24.44 10.87
CA PHE A 229 -31.24 -24.68 12.30
C PHE A 229 -32.54 -25.29 12.79
N ASP A 230 -32.57 -25.64 14.08
CA ASP A 230 -33.71 -26.31 14.70
C ASP A 230 -34.74 -25.26 15.14
N TYR A 231 -35.37 -24.62 14.14
CA TYR A 231 -36.16 -23.42 14.34
C TYR A 231 -37.50 -23.73 15.02
N THR A 232 -37.89 -25.01 15.12
CA THR A 232 -39.12 -25.32 15.84
C THR A 232 -38.85 -25.55 17.32
N ARG A 233 -37.57 -25.57 17.71
CA ARG A 233 -37.16 -25.73 19.09
C ARG A 233 -36.74 -24.38 19.68
N TYR A 234 -36.18 -23.49 18.87
CA TYR A 234 -35.58 -22.27 19.39
C TYR A 234 -36.18 -21.03 18.73
N LYS A 235 -36.28 -19.94 19.51
CA LYS A 235 -36.59 -18.61 18.99
C LYS A 235 -35.47 -18.16 18.04
N ALA A 236 -35.85 -17.44 16.98
CA ALA A 236 -34.88 -16.82 16.09
C ALA A 236 -34.82 -15.32 16.37
N HIS A 237 -33.61 -14.80 16.66
CA HIS A 237 -33.41 -13.42 17.07
C HIS A 237 -32.72 -12.65 15.94
N PHE A 238 -33.07 -11.37 15.78
CA PHE A 238 -32.65 -10.56 14.64
C PHE A 238 -32.09 -9.23 15.12
N ILE A 239 -30.90 -8.88 14.62
CA ILE A 239 -30.13 -7.72 15.03
C ILE A 239 -29.63 -7.06 13.76
N GLY A 240 -29.81 -5.74 13.66
CA GLY A 240 -29.33 -5.01 12.51
C GLY A 240 -30.38 -4.03 12.00
N SER A 241 -29.91 -3.05 11.24
CA SER A 241 -30.71 -1.93 10.74
C SER A 241 -31.90 -2.45 9.93
N VAL A 242 -31.68 -3.52 9.15
CA VAL A 242 -32.72 -4.06 8.29
C VAL A 242 -33.77 -4.79 9.14
N ALA A 243 -33.33 -5.56 10.14
CA ALA A 243 -34.27 -6.24 11.02
C ALA A 243 -35.21 -5.20 11.64
N TYR A 244 -34.65 -4.08 12.07
CA TYR A 244 -35.42 -3.03 12.72
C TYR A 244 -36.28 -2.26 11.72
N TYR A 245 -35.70 -1.76 10.62
CA TYR A 245 -36.42 -0.86 9.73
C TYR A 245 -37.58 -1.59 9.02
N TYR A 246 -37.46 -2.91 8.89
CA TYR A 246 -38.49 -3.66 8.18
C TYR A 246 -39.16 -4.66 9.12
N LYS A 247 -39.22 -4.31 10.41
CA LYS A 247 -39.63 -5.20 11.50
C LYS A 247 -40.95 -5.92 11.18
N ASP A 248 -41.98 -5.15 10.77
CA ASP A 248 -43.31 -5.68 10.53
C ASP A 248 -43.29 -6.74 9.43
N ILE A 249 -42.43 -6.54 8.43
CA ILE A 249 -42.34 -7.41 7.27
C ILE A 249 -41.61 -8.69 7.67
N LEU A 250 -40.55 -8.51 8.47
CA LEU A 250 -39.78 -9.63 9.01
C LEU A 250 -40.71 -10.55 9.81
N GLU A 251 -41.62 -9.96 10.58
CA GLU A 251 -42.57 -10.71 11.41
C GLU A 251 -43.60 -11.39 10.52
N GLU A 252 -43.92 -10.75 9.38
CA GLU A 252 -44.85 -11.34 8.43
C GLU A 252 -44.18 -12.53 7.76
N ALA A 253 -42.90 -12.36 7.40
CA ALA A 253 -42.07 -13.40 6.82
C ALA A 253 -41.95 -14.59 7.76
N ALA A 254 -41.74 -14.32 9.04
CA ALA A 254 -41.54 -15.36 10.03
C ALA A 254 -42.81 -16.19 10.20
N ALA A 255 -43.96 -15.50 10.24
CA ALA A 255 -45.25 -16.13 10.46
C ALA A 255 -45.60 -17.00 9.25
N ALA A 256 -45.17 -16.56 8.05
CA ALA A 256 -45.46 -17.29 6.83
C ALA A 256 -44.60 -18.55 6.72
N THR A 257 -43.47 -18.59 7.43
CA THR A 257 -42.52 -19.67 7.25
C THR A 257 -42.48 -20.58 8.48
N GLY A 258 -43.13 -20.15 9.57
CA GLY A 258 -43.24 -20.96 10.78
C GLY A 258 -42.12 -20.68 11.79
N ILE A 259 -41.35 -19.60 11.58
CA ILE A 259 -40.26 -19.22 12.46
C ILE A 259 -40.80 -18.43 13.64
N ARG A 260 -40.28 -18.73 14.84
CA ARG A 260 -40.64 -18.04 16.06
C ARG A 260 -39.58 -16.99 16.40
N THR A 261 -39.96 -15.70 16.30
CA THR A 261 -39.02 -14.62 16.52
C THR A 261 -38.85 -14.38 18.02
N GLY A 262 -37.62 -14.05 18.42
CA GLY A 262 -37.37 -13.52 19.75
C GLY A 262 -37.12 -12.01 19.71
N THR A 263 -35.87 -11.60 19.95
CA THR A 263 -35.45 -10.21 19.93
C THR A 263 -35.36 -9.73 18.48
N ILE A 264 -35.92 -8.53 18.23
CA ILE A 264 -35.67 -7.78 17.01
C ILE A 264 -35.21 -6.39 17.44
N VAL A 265 -33.92 -6.09 17.22
CA VAL A 265 -33.30 -4.84 17.65
C VAL A 265 -32.38 -4.30 16.56
N ARG A 266 -32.08 -3.00 16.65
CA ARG A 266 -31.38 -2.22 15.64
C ARG A 266 -29.91 -2.65 15.62
N ASN A 267 -29.32 -2.79 16.81
CA ASN A 267 -27.90 -3.11 16.92
C ASN A 267 -27.68 -3.89 18.22
N PRO A 268 -26.53 -4.60 18.38
CA PRO A 268 -26.26 -5.38 19.58
C PRO A 268 -25.80 -4.61 20.82
N MET A 269 -25.63 -3.28 20.70
CA MET A 269 -24.93 -2.56 21.75
C MET A 269 -25.75 -2.56 23.04
N GLU A 270 -27.06 -2.39 22.91
CA GLU A 270 -27.94 -2.37 24.08
C GLU A 270 -27.86 -3.69 24.82
N GLY A 271 -27.92 -4.80 24.08
CA GLY A 271 -27.80 -6.12 24.66
C GLY A 271 -26.47 -6.34 25.40
N LEU A 272 -25.37 -5.91 24.77
CA LEU A 272 -24.02 -6.12 25.28
C LEU A 272 -23.81 -5.34 26.57
N ARG A 273 -24.40 -4.13 26.65
CA ARG A 273 -24.33 -3.34 27.87
C ARG A 273 -24.96 -4.11 29.02
N THR A 274 -26.19 -4.61 28.80
CA THR A 274 -26.87 -5.47 29.75
C THR A 274 -25.99 -6.68 30.08
N TYR A 275 -25.39 -7.27 29.05
CA TYR A 275 -24.58 -8.46 29.20
C TYR A 275 -23.39 -8.23 30.13
N TYR A 276 -22.80 -7.03 30.08
CA TYR A 276 -21.54 -6.77 30.76
C TYR A 276 -21.70 -6.00 32.07
N SER A 277 -22.93 -5.62 32.44
CA SER A 277 -23.11 -4.91 33.69
C SER A 277 -24.18 -5.59 34.53
N THR A 278 -24.67 -6.73 34.05
CA THR A 278 -25.51 -7.65 34.81
C THR A 278 -24.88 -9.05 34.76
N MET B 1 -13.34 -10.91 -51.17
CA MET B 1 -13.60 -11.57 -49.86
C MET B 1 -14.27 -10.59 -48.90
N ILE B 2 -15.07 -11.16 -47.99
CA ILE B 2 -15.75 -10.44 -46.92
C ILE B 2 -15.21 -11.01 -45.62
N LEU B 3 -15.04 -10.14 -44.62
CA LEU B 3 -14.70 -10.59 -43.26
C LEU B 3 -15.88 -10.33 -42.33
N ILE B 4 -16.27 -11.35 -41.57
CA ILE B 4 -17.35 -11.28 -40.60
C ILE B 4 -16.79 -11.62 -39.23
N ALA B 5 -17.21 -10.87 -38.22
CA ALA B 5 -16.78 -11.10 -36.86
C ALA B 5 -17.96 -10.94 -35.89
N ASP B 6 -17.97 -11.82 -34.88
CA ASP B 6 -18.89 -11.74 -33.77
C ASP B 6 -18.06 -11.78 -32.50
N SER B 7 -17.99 -10.63 -31.80
CA SER B 7 -17.16 -10.46 -30.63
C SER B 7 -18.02 -10.55 -29.36
N GLY B 8 -17.62 -11.47 -28.47
CA GLY B 8 -18.32 -11.70 -27.21
C GLY B 8 -17.34 -11.59 -26.04
N SER B 9 -17.76 -12.02 -24.85
CA SER B 9 -16.91 -11.82 -23.68
C SER B 9 -15.70 -12.75 -23.75
N THR B 10 -15.93 -14.04 -24.05
CA THR B 10 -14.87 -15.04 -24.05
C THR B 10 -13.98 -14.92 -25.30
N LYS B 11 -14.56 -14.58 -26.46
CA LYS B 11 -13.83 -14.67 -27.72
C LYS B 11 -14.50 -13.88 -28.85
N THR B 12 -13.73 -13.59 -29.90
CA THR B 12 -14.26 -13.09 -31.17
C THR B 12 -14.16 -14.21 -32.19
N HIS B 13 -15.31 -14.55 -32.81
CA HIS B 13 -15.36 -15.54 -33.87
C HIS B 13 -15.32 -14.82 -35.21
N TRP B 14 -14.36 -15.17 -36.07
CA TRP B 14 -14.18 -14.56 -37.37
C TRP B 14 -14.42 -15.61 -38.46
N ASN B 15 -15.07 -15.18 -39.56
CA ASN B 15 -15.16 -15.96 -40.78
C ASN B 15 -14.63 -15.14 -41.96
N VAL B 16 -13.91 -15.81 -42.87
CA VAL B 16 -13.60 -15.24 -44.17
C VAL B 16 -14.47 -15.92 -45.23
N LEU B 17 -15.28 -15.13 -45.93
CA LEU B 17 -16.13 -15.58 -47.03
C LEU B 17 -15.52 -15.12 -48.35
N ASP B 18 -15.36 -16.06 -49.28
CA ASP B 18 -14.85 -15.76 -50.62
C ASP B 18 -15.85 -16.26 -51.64
N GLN B 19 -16.62 -15.30 -52.21
CA GLN B 19 -17.58 -15.58 -53.25
C GLN B 19 -18.59 -16.60 -52.72
N GLY B 20 -18.98 -16.43 -51.45
CA GLY B 20 -20.01 -17.25 -50.82
C GLY B 20 -19.50 -18.52 -50.16
N ARG B 21 -18.20 -18.80 -50.30
CA ARG B 21 -17.58 -19.95 -49.66
C ARG B 21 -16.83 -19.49 -48.42
N VAL B 22 -16.93 -20.27 -47.33
CA VAL B 22 -16.18 -19.99 -46.13
C VAL B 22 -14.76 -20.51 -46.34
N ILE B 23 -13.78 -19.60 -46.37
CA ILE B 23 -12.42 -19.98 -46.71
C ILE B 23 -11.47 -19.75 -45.53
N GLY B 24 -11.98 -19.19 -44.43
CA GLY B 24 -11.19 -19.02 -43.21
C GLY B 24 -12.08 -18.98 -41.97
N GLU B 25 -11.59 -19.58 -40.88
CA GLU B 25 -12.35 -19.59 -39.63
C GLU B 25 -11.38 -19.42 -38.45
N ILE B 26 -11.63 -18.40 -37.63
CA ILE B 26 -10.62 -17.89 -36.71
C ILE B 26 -11.25 -17.52 -35.38
N PHE B 27 -10.61 -17.91 -34.27
CA PHE B 27 -10.90 -17.32 -32.97
C PHE B 27 -9.79 -16.35 -32.60
N THR B 28 -10.17 -15.25 -31.95
CA THR B 28 -9.29 -14.43 -31.15
C THR B 28 -9.95 -14.16 -29.79
N LYS B 29 -9.25 -13.39 -28.93
CA LYS B 29 -9.86 -12.88 -27.71
C LYS B 29 -11.03 -11.98 -28.09
N GLY B 30 -11.93 -11.77 -27.12
CA GLY B 30 -13.00 -10.80 -27.24
C GLY B 30 -12.43 -9.39 -27.37
N MET B 31 -13.17 -8.54 -28.08
CA MET B 31 -12.70 -7.20 -28.42
C MET B 31 -13.79 -6.20 -28.12
N ASN B 32 -14.13 -6.08 -26.84
CA ASN B 32 -15.11 -5.13 -26.34
C ASN B 32 -14.38 -3.80 -26.10
N PRO B 33 -14.75 -2.71 -26.82
CA PRO B 33 -14.01 -1.44 -26.72
C PRO B 33 -14.15 -0.75 -25.36
N PHE B 34 -15.05 -1.27 -24.50
CA PHE B 34 -15.16 -0.76 -23.15
C PHE B 34 -14.13 -1.42 -22.22
N PHE B 35 -13.48 -2.48 -22.69
CA PHE B 35 -12.60 -3.26 -21.82
C PHE B 35 -11.16 -3.24 -22.31
N GLN B 36 -10.93 -2.67 -23.50
CA GLN B 36 -9.57 -2.51 -23.97
C GLN B 36 -9.44 -1.21 -24.77
N THR B 37 -8.22 -0.69 -24.83
CA THR B 37 -7.93 0.52 -25.58
C THR B 37 -7.84 0.18 -27.06
N PRO B 38 -8.00 1.18 -27.97
CA PRO B 38 -7.78 0.96 -29.41
C PRO B 38 -6.40 0.39 -29.71
N GLU B 39 -5.38 0.82 -28.96
CA GLU B 39 -4.04 0.31 -29.13
C GLU B 39 -3.99 -1.18 -28.78
N GLU B 40 -4.58 -1.56 -27.64
CA GLU B 40 -4.63 -2.95 -27.20
C GLU B 40 -5.40 -3.80 -28.21
N MET B 41 -6.47 -3.24 -28.78
CA MET B 41 -7.24 -3.97 -29.77
C MET B 41 -6.40 -4.20 -31.03
N GLY B 42 -5.73 -3.14 -31.51
CA GLY B 42 -4.90 -3.20 -32.69
C GLY B 42 -3.80 -4.25 -32.57
N ARG B 43 -3.14 -4.28 -31.41
CA ARG B 43 -2.06 -5.23 -31.13
C ARG B 43 -2.60 -6.65 -31.11
N GLU B 44 -3.80 -6.84 -30.51
CA GLU B 44 -4.40 -8.17 -30.43
C GLU B 44 -4.64 -8.70 -31.83
N ILE B 45 -5.13 -7.84 -32.72
CA ILE B 45 -5.39 -8.15 -34.12
C ILE B 45 -4.11 -8.53 -34.85
N GLU B 46 -3.03 -7.77 -34.64
CA GLU B 46 -1.77 -8.02 -35.34
C GLU B 46 -1.17 -9.34 -34.87
N ARG B 47 -1.40 -9.65 -33.59
CA ARG B 47 -0.75 -10.76 -32.90
C ARG B 47 -1.51 -12.06 -33.16
N THR B 48 -2.83 -11.97 -33.38
CA THR B 48 -3.63 -13.20 -33.38
C THR B 48 -4.54 -13.34 -34.60
N LEU B 49 -4.95 -12.22 -35.23
CA LEU B 49 -5.81 -12.34 -36.42
C LEU B 49 -4.95 -12.43 -37.67
N LEU B 50 -4.06 -11.45 -37.84
CA LEU B 50 -3.36 -11.25 -39.10
C LEU B 50 -2.55 -12.49 -39.49
N PRO B 51 -1.85 -13.19 -38.56
CA PRO B 51 -1.12 -14.40 -38.93
C PRO B 51 -2.00 -15.58 -39.35
N GLN B 52 -3.31 -15.50 -39.08
CA GLN B 52 -4.23 -16.57 -39.46
C GLN B 52 -4.86 -16.27 -40.82
N LEU B 53 -4.63 -15.06 -41.34
CA LEU B 53 -5.13 -14.65 -42.65
C LEU B 53 -4.01 -14.85 -43.66
N ASN B 54 -4.35 -15.18 -44.90
CA ASN B 54 -3.33 -15.20 -45.93
C ASN B 54 -3.39 -13.89 -46.73
N SER B 55 -4.43 -13.09 -46.45
CA SER B 55 -4.59 -11.76 -47.01
C SER B 55 -5.28 -10.85 -46.00
N ASN B 56 -4.99 -9.54 -46.09
CA ASN B 56 -5.67 -8.53 -45.29
C ASN B 56 -6.55 -7.66 -46.18
N ARG B 57 -6.60 -7.99 -47.49
CA ARG B 57 -7.48 -7.30 -48.42
C ARG B 57 -8.89 -7.87 -48.31
N PHE B 58 -9.87 -6.99 -48.05
CA PHE B 58 -11.27 -7.35 -48.06
C PHE B 58 -12.06 -6.37 -48.92
N CYS B 59 -13.17 -6.86 -49.48
CA CYS B 59 -14.16 -6.01 -50.14
C CYS B 59 -15.02 -5.32 -49.07
N GLU B 60 -15.42 -6.10 -48.06
CA GLU B 60 -16.26 -5.61 -46.98
C GLU B 60 -15.82 -6.26 -45.66
N VAL B 61 -16.00 -5.52 -44.57
CA VAL B 61 -15.86 -6.07 -43.23
C VAL B 61 -17.14 -5.76 -42.48
N HIS B 62 -17.72 -6.78 -41.82
CA HIS B 62 -18.82 -6.56 -40.92
C HIS B 62 -18.44 -7.05 -39.53
N PHE B 63 -18.17 -6.12 -38.61
CA PHE B 63 -17.75 -6.50 -37.27
C PHE B 63 -18.91 -6.25 -36.31
N PHE B 64 -19.26 -7.29 -35.56
CA PHE B 64 -20.34 -7.22 -34.58
C PHE B 64 -19.76 -7.56 -33.22
N GLY B 65 -19.92 -6.68 -32.24
CA GLY B 65 -19.38 -7.02 -30.93
C GLY B 65 -20.05 -6.29 -29.79
N ALA B 66 -20.18 -6.97 -28.65
CA ALA B 66 -20.56 -6.34 -27.40
C ALA B 66 -19.72 -5.09 -27.20
N GLY B 67 -20.37 -4.01 -26.72
CA GLY B 67 -19.70 -2.75 -26.44
C GLY B 67 -19.63 -1.84 -27.68
N CYS B 68 -20.10 -2.33 -28.82
CA CYS B 68 -19.94 -1.54 -30.04
C CYS B 68 -21.14 -0.61 -30.26
N ILE B 69 -21.41 0.20 -29.23
CA ILE B 69 -22.44 1.22 -29.24
C ILE B 69 -22.01 2.35 -30.19
N PRO B 70 -22.96 3.17 -30.72
CA PRO B 70 -22.63 4.21 -31.71
C PRO B 70 -21.37 5.01 -31.41
N GLU B 71 -21.18 5.34 -30.12
CA GLU B 71 -20.04 6.12 -29.63
C GLU B 71 -18.72 5.39 -29.90
N LYS B 72 -18.76 4.05 -29.94
CA LYS B 72 -17.55 3.26 -30.08
C LYS B 72 -17.38 2.77 -31.52
N VAL B 73 -18.38 3.03 -32.36
CA VAL B 73 -18.37 2.51 -33.73
C VAL B 73 -17.16 3.02 -34.49
N PRO B 74 -16.86 4.34 -34.52
CA PRO B 74 -15.67 4.85 -35.21
C PRO B 74 -14.33 4.48 -34.60
N VAL B 75 -14.30 4.30 -33.27
CA VAL B 75 -13.09 3.86 -32.57
C VAL B 75 -12.70 2.50 -33.14
N VAL B 76 -13.67 1.58 -33.18
CA VAL B 76 -13.47 0.20 -33.62
C VAL B 76 -13.16 0.20 -35.11
N ARG B 77 -13.94 0.95 -35.90
CA ARG B 77 -13.77 1.02 -37.34
C ARG B 77 -12.34 1.41 -37.69
N ASN B 78 -11.82 2.46 -37.03
CA ASN B 78 -10.47 2.96 -37.24
C ASN B 78 -9.41 1.94 -36.84
N VAL B 79 -9.69 1.14 -35.81
CA VAL B 79 -8.75 0.08 -35.47
C VAL B 79 -8.67 -0.92 -36.63
N LEU B 80 -9.83 -1.27 -37.21
CA LEU B 80 -9.90 -2.27 -38.28
C LEU B 80 -9.30 -1.71 -39.57
N LYS B 81 -9.64 -0.45 -39.88
CA LYS B 81 -9.10 0.26 -41.02
C LYS B 81 -7.57 0.28 -41.00
N GLY B 82 -6.99 0.42 -39.80
CA GLY B 82 -5.54 0.42 -39.64
C GLY B 82 -4.92 -0.91 -40.03
N CYS B 83 -5.58 -2.01 -39.65
CA CYS B 83 -5.05 -3.36 -39.76
C CYS B 83 -5.43 -4.02 -41.09
N LEU B 84 -6.60 -3.63 -41.63
CA LEU B 84 -7.19 -4.30 -42.79
C LEU B 84 -7.28 -3.32 -43.97
N ASP B 85 -7.13 -3.87 -45.18
CA ASP B 85 -7.22 -3.11 -46.42
C ASP B 85 -8.59 -3.37 -47.07
N VAL B 86 -9.52 -2.43 -46.90
CA VAL B 86 -10.94 -2.67 -47.17
C VAL B 86 -11.46 -1.72 -48.25
N SER B 87 -12.18 -2.27 -49.25
CA SER B 87 -12.50 -1.48 -50.43
C SER B 87 -13.90 -0.84 -50.37
N SER B 88 -14.81 -1.38 -49.57
CA SER B 88 -16.17 -0.88 -49.54
C SER B 88 -16.51 -0.27 -48.18
N LEU B 89 -17.19 -1.07 -47.34
CA LEU B 89 -17.68 -0.55 -46.08
C LEU B 89 -17.04 -1.33 -44.93
N ILE B 90 -16.58 -0.60 -43.90
CA ILE B 90 -16.40 -1.26 -42.61
C ILE B 90 -17.59 -0.94 -41.73
N GLU B 91 -18.51 -1.91 -41.63
CA GLU B 91 -19.63 -1.82 -40.70
C GLU B 91 -19.20 -2.34 -39.33
N VAL B 92 -19.50 -1.55 -38.29
CA VAL B 92 -19.32 -1.95 -36.92
C VAL B 92 -20.67 -1.82 -36.21
N ASP B 93 -21.13 -2.90 -35.58
CA ASP B 93 -22.37 -2.82 -34.82
C ASP B 93 -22.32 -3.78 -33.64
N THR B 94 -23.44 -3.95 -32.94
CA THR B 94 -23.47 -4.76 -31.74
C THR B 94 -23.65 -6.22 -32.11
N ASP B 95 -23.26 -7.11 -31.18
CA ASP B 95 -23.48 -8.54 -31.26
C ASP B 95 -24.98 -8.82 -31.35
N MET B 96 -25.79 -7.90 -30.80
CA MET B 96 -27.23 -8.03 -30.84
C MET B 96 -27.72 -7.98 -32.29
N LEU B 97 -27.10 -7.14 -33.11
CA LEU B 97 -27.45 -7.04 -34.52
C LEU B 97 -27.00 -8.29 -35.28
N ALA B 98 -25.84 -8.83 -34.93
CA ALA B 98 -25.35 -10.06 -35.55
C ALA B 98 -26.39 -11.15 -35.36
N ALA B 99 -26.81 -11.36 -34.11
CA ALA B 99 -27.80 -12.36 -33.74
C ALA B 99 -29.09 -12.16 -34.53
N ALA B 100 -29.50 -10.88 -34.66
CA ALA B 100 -30.73 -10.52 -35.34
C ALA B 100 -30.63 -10.86 -36.84
N LYS B 101 -29.59 -10.37 -37.52
CA LYS B 101 -29.40 -10.69 -38.94
C LYS B 101 -29.33 -12.20 -39.15
N ALA B 102 -28.66 -12.90 -38.22
CA ALA B 102 -28.41 -14.33 -38.32
C ALA B 102 -29.72 -15.11 -38.23
N SER B 103 -30.65 -14.65 -37.39
CA SER B 103 -31.81 -15.46 -37.07
C SER B 103 -33.05 -14.97 -37.80
N CYS B 104 -33.04 -13.70 -38.23
CA CYS B 104 -34.25 -13.02 -38.70
C CYS B 104 -34.11 -12.55 -40.15
N GLY B 105 -32.87 -12.37 -40.61
CA GLY B 105 -32.63 -11.83 -41.95
C GLY B 105 -33.21 -10.42 -42.09
N ARG B 106 -34.22 -10.28 -42.95
CA ARG B 106 -34.84 -8.99 -43.24
C ARG B 106 -36.19 -8.89 -42.53
N SER B 107 -36.59 -9.93 -41.80
CA SER B 107 -37.89 -9.95 -41.15
C SER B 107 -37.78 -9.45 -39.71
N PRO B 108 -38.87 -8.91 -39.11
CA PRO B 108 -38.89 -8.60 -37.68
C PRO B 108 -38.88 -9.83 -36.79
N GLY B 109 -38.47 -9.62 -35.53
CA GLY B 109 -38.50 -10.68 -34.53
C GLY B 109 -37.87 -10.22 -33.23
N ILE B 110 -38.23 -10.92 -32.14
CA ILE B 110 -37.57 -10.78 -30.86
C ILE B 110 -36.29 -11.62 -30.92
N VAL B 111 -35.17 -10.99 -30.53
CA VAL B 111 -33.86 -11.60 -30.66
C VAL B 111 -33.20 -11.60 -29.29
N CYS B 112 -32.70 -12.76 -28.87
CA CYS B 112 -32.06 -12.91 -27.56
C CYS B 112 -30.70 -13.56 -27.70
N ILE B 113 -29.78 -13.10 -26.85
CA ILE B 113 -28.45 -13.68 -26.73
C ILE B 113 -28.38 -14.29 -25.34
N MET B 114 -27.89 -15.53 -25.29
CA MET B 114 -27.69 -16.19 -24.02
C MET B 114 -26.33 -16.86 -24.10
N GLY B 115 -25.30 -16.17 -23.62
CA GLY B 115 -23.99 -16.77 -23.44
C GLY B 115 -23.47 -16.52 -22.03
N THR B 116 -22.25 -15.98 -21.96
CA THR B 116 -21.68 -15.47 -20.72
C THR B 116 -22.59 -14.40 -20.13
N GLY B 117 -23.11 -13.52 -20.99
CA GLY B 117 -24.17 -12.60 -20.62
C GLY B 117 -25.47 -12.95 -21.36
N SER B 118 -26.53 -12.18 -21.11
CA SER B 118 -27.75 -12.34 -21.89
C SER B 118 -28.26 -10.97 -22.28
N ASN B 119 -29.14 -10.94 -23.29
CA ASN B 119 -29.60 -9.67 -23.82
C ASN B 119 -30.82 -9.98 -24.67
N SER B 120 -31.74 -9.01 -24.79
CA SER B 120 -32.93 -9.20 -25.59
C SER B 120 -33.31 -7.89 -26.28
N CYS B 121 -33.87 -8.02 -27.47
CA CYS B 121 -34.22 -6.85 -28.25
C CYS B 121 -35.34 -7.20 -29.22
N PHE B 122 -35.95 -6.13 -29.76
CA PHE B 122 -36.83 -6.28 -30.91
C PHE B 122 -36.10 -5.70 -32.13
N TYR B 123 -35.94 -6.56 -33.13
CA TYR B 123 -35.39 -6.26 -34.43
C TYR B 123 -36.54 -6.01 -35.40
N ASP B 124 -36.47 -4.91 -36.17
CA ASP B 124 -37.57 -4.54 -37.06
C ASP B 124 -37.35 -5.12 -38.46
N GLY B 125 -36.21 -5.80 -38.66
CA GLY B 125 -35.90 -6.34 -39.97
C GLY B 125 -34.74 -5.60 -40.65
N GLU B 126 -34.43 -4.40 -40.14
CA GLU B 126 -33.27 -3.62 -40.58
C GLU B 126 -32.36 -3.31 -39.38
N LYS B 127 -32.93 -2.94 -38.24
CA LYS B 127 -32.13 -2.62 -37.07
C LYS B 127 -32.90 -2.96 -35.79
N ILE B 128 -32.17 -2.90 -34.67
CA ILE B 128 -32.69 -3.03 -33.31
C ILE B 128 -33.52 -1.79 -33.02
N ALA B 129 -34.81 -1.99 -32.75
CA ALA B 129 -35.71 -0.87 -32.54
C ALA B 129 -35.84 -0.61 -31.03
N ALA B 130 -35.74 -1.69 -30.24
CA ALA B 130 -35.93 -1.62 -28.81
C ALA B 130 -35.03 -2.68 -28.15
N ASN B 131 -34.62 -2.41 -26.91
CA ASN B 131 -33.73 -3.32 -26.19
C ASN B 131 -34.01 -3.29 -24.68
N VAL B 132 -33.88 -4.43 -24.01
CA VAL B 132 -33.86 -4.41 -22.54
C VAL B 132 -32.40 -4.42 -22.09
N SER B 133 -31.93 -3.32 -21.47
CA SER B 133 -30.60 -3.27 -20.89
C SER B 133 -30.44 -4.47 -19.97
N PRO B 134 -29.40 -5.31 -20.16
CA PRO B 134 -29.28 -6.57 -19.40
C PRO B 134 -28.83 -6.41 -17.94
N LEU B 135 -27.96 -5.41 -17.67
CA LEU B 135 -27.64 -4.93 -16.33
C LEU B 135 -26.46 -5.66 -15.67
N GLY B 136 -25.86 -6.67 -16.33
CA GLY B 136 -24.73 -7.40 -15.75
C GLY B 136 -25.14 -8.56 -14.83
N PHE B 137 -24.14 -9.34 -14.38
CA PHE B 137 -24.34 -10.61 -13.70
C PHE B 137 -24.84 -10.43 -12.28
N ILE B 138 -24.74 -9.22 -11.73
CA ILE B 138 -25.14 -8.97 -10.35
C ILE B 138 -26.60 -8.54 -10.31
N LEU B 139 -26.98 -7.64 -11.24
CA LEU B 139 -28.26 -6.95 -11.22
C LEU B 139 -29.27 -7.65 -12.12
N GLY B 140 -28.77 -8.34 -13.14
CA GLY B 140 -29.67 -8.91 -14.13
C GLY B 140 -29.00 -10.04 -14.91
N ASP B 141 -28.94 -9.87 -16.25
CA ASP B 141 -28.45 -10.88 -17.15
C ASP B 141 -29.11 -12.23 -16.83
N GLU B 142 -30.43 -12.26 -16.72
CA GLU B 142 -31.07 -13.51 -16.34
C GLU B 142 -30.78 -14.59 -17.38
N GLY B 143 -30.64 -15.83 -16.89
CA GLY B 143 -30.42 -17.02 -17.70
C GLY B 143 -29.06 -17.07 -18.41
N SER B 144 -28.15 -16.15 -18.08
CA SER B 144 -26.82 -16.16 -18.69
C SER B 144 -25.93 -17.17 -17.98
N GLY B 145 -24.79 -17.48 -18.59
CA GLY B 145 -23.83 -18.41 -18.03
C GLY B 145 -23.29 -17.92 -16.69
N ALA B 146 -23.13 -16.60 -16.56
CA ALA B 146 -22.63 -16.01 -15.33
C ALA B 146 -23.65 -16.17 -14.21
N VAL B 147 -24.92 -15.89 -14.52
CA VAL B 147 -25.97 -15.94 -13.52
C VAL B 147 -26.33 -17.37 -13.18
N LEU B 148 -26.27 -18.28 -14.17
CA LEU B 148 -26.43 -19.70 -13.87
C LEU B 148 -25.37 -20.13 -12.84
N GLY B 149 -24.10 -19.74 -13.09
CA GLY B 149 -23.00 -20.06 -12.20
C GLY B 149 -23.21 -19.51 -10.78
N LYS B 150 -23.63 -18.24 -10.69
CA LYS B 150 -23.94 -17.55 -9.45
C LYS B 150 -25.02 -18.31 -8.67
N LEU B 151 -26.07 -18.76 -9.39
CA LEU B 151 -27.19 -19.45 -8.77
C LEU B 151 -26.68 -20.80 -8.25
N LEU B 152 -25.83 -21.46 -9.06
CA LEU B 152 -25.36 -22.79 -8.73
C LEU B 152 -24.52 -22.74 -7.47
N ILE B 153 -23.56 -21.80 -7.44
CA ILE B 153 -22.63 -21.72 -6.34
C ILE B 153 -23.33 -21.36 -5.03
N GLY B 154 -24.23 -20.38 -5.07
CA GLY B 154 -25.03 -20.04 -3.91
C GLY B 154 -25.83 -21.23 -3.40
N ASP B 155 -26.44 -21.99 -4.31
CA ASP B 155 -27.26 -23.14 -3.91
C ASP B 155 -26.38 -24.23 -3.30
N LEU B 156 -25.23 -24.49 -3.94
CA LEU B 156 -24.38 -25.59 -3.52
C LEU B 156 -23.80 -25.31 -2.13
N LEU B 157 -23.26 -24.10 -1.94
CA LEU B 157 -22.53 -23.75 -0.74
C LEU B 157 -23.50 -23.51 0.42
N LYS B 158 -24.77 -23.28 0.10
CA LYS B 158 -25.78 -23.01 1.10
C LYS B 158 -26.56 -24.29 1.38
N ASN B 159 -26.00 -25.43 0.95
CA ASN B 159 -26.54 -26.77 1.22
C ASN B 159 -27.98 -26.89 0.72
N GLN B 160 -28.26 -26.29 -0.45
CA GLN B 160 -29.61 -26.33 -1.01
C GLN B 160 -29.79 -27.56 -1.89
N MET B 161 -28.68 -28.21 -2.27
CA MET B 161 -28.69 -29.24 -3.31
C MET B 161 -28.07 -30.54 -2.81
N GLY B 162 -27.80 -30.62 -1.51
CA GLY B 162 -27.19 -31.79 -0.90
C GLY B 162 -25.67 -31.78 -0.98
N GLU B 163 -25.05 -32.69 -0.21
CA GLU B 163 -23.60 -32.77 -0.04
C GLU B 163 -22.94 -33.34 -1.30
N GLU B 164 -23.56 -34.38 -1.87
CA GLU B 164 -23.03 -35.11 -3.03
C GLU B 164 -22.63 -34.14 -4.15
N LEU B 165 -23.59 -33.35 -4.64
CA LEU B 165 -23.35 -32.43 -5.75
C LEU B 165 -22.34 -31.37 -5.32
N LYS B 166 -22.44 -30.93 -4.07
CA LYS B 166 -21.55 -29.91 -3.52
C LYS B 166 -20.10 -30.39 -3.63
N GLU B 167 -19.88 -31.63 -3.14
CA GLU B 167 -18.56 -32.24 -3.12
C GLU B 167 -18.08 -32.48 -4.54
N LYS B 168 -18.97 -33.01 -5.38
CA LYS B 168 -18.66 -33.31 -6.77
C LYS B 168 -18.13 -32.05 -7.48
N PHE B 169 -18.75 -30.89 -7.20
CA PHE B 169 -18.43 -29.61 -7.80
C PHE B 169 -17.06 -29.11 -7.34
N LEU B 170 -16.84 -29.04 -6.01
CA LEU B 170 -15.59 -28.54 -5.46
C LEU B 170 -14.41 -29.40 -5.95
N ARG B 171 -14.64 -30.72 -6.00
CA ARG B 171 -13.68 -31.70 -6.44
C ARG B 171 -13.34 -31.49 -7.92
N GLN B 172 -14.37 -31.35 -8.76
CA GLN B 172 -14.21 -31.29 -10.21
C GLN B 172 -13.44 -30.02 -10.60
N TYR B 173 -13.68 -28.92 -9.89
CA TYR B 173 -13.13 -27.63 -10.26
C TYR B 173 -11.95 -27.24 -9.36
N GLU B 174 -11.55 -28.16 -8.46
CA GLU B 174 -10.46 -27.95 -7.53
C GLU B 174 -10.72 -26.65 -6.75
N LEU B 175 -11.94 -26.49 -6.23
CA LEU B 175 -12.31 -25.29 -5.52
C LEU B 175 -12.60 -25.60 -4.06
N THR B 176 -12.50 -24.54 -3.25
CA THR B 176 -12.95 -24.48 -1.87
C THR B 176 -13.72 -23.18 -1.68
N PRO B 177 -14.65 -23.09 -0.71
CA PRO B 177 -15.43 -21.86 -0.50
C PRO B 177 -14.60 -20.57 -0.45
N ALA B 178 -13.50 -20.56 0.33
CA ALA B 178 -12.75 -19.33 0.53
C ALA B 178 -12.11 -18.88 -0.79
N ASN B 179 -11.86 -19.86 -1.67
CA ASN B 179 -11.25 -19.68 -2.98
C ASN B 179 -12.29 -19.04 -3.91
N ILE B 180 -13.52 -19.59 -3.85
CA ILE B 180 -14.65 -19.11 -4.63
C ILE B 180 -14.94 -17.66 -4.26
N ILE B 181 -15.00 -17.38 -2.95
CA ILE B 181 -15.27 -16.04 -2.44
C ILE B 181 -14.25 -15.05 -3.00
N GLU B 182 -12.98 -15.47 -3.05
CA GLU B 182 -11.89 -14.65 -3.57
C GLU B 182 -12.13 -14.31 -5.04
N ARG B 183 -12.55 -15.31 -5.81
CA ARG B 183 -12.67 -15.20 -7.26
C ARG B 183 -13.87 -14.33 -7.60
N VAL B 184 -14.92 -14.44 -6.76
CA VAL B 184 -16.19 -13.80 -7.03
C VAL B 184 -16.14 -12.33 -6.61
N TYR B 185 -15.47 -12.00 -5.50
CA TYR B 185 -15.56 -10.66 -4.92
C TYR B 185 -14.29 -9.83 -5.09
N ARG B 186 -13.13 -10.48 -5.26
CA ARG B 186 -11.86 -9.79 -5.12
C ARG B 186 -10.98 -9.91 -6.37
N GLN B 187 -11.41 -10.70 -7.37
CA GLN B 187 -10.57 -10.94 -8.54
C GLN B 187 -11.24 -10.41 -9.81
N PRO B 188 -10.45 -10.14 -10.87
CA PRO B 188 -11.00 -9.70 -12.16
C PRO B 188 -11.89 -10.72 -12.87
N PHE B 189 -12.91 -10.21 -13.57
CA PHE B 189 -13.77 -10.98 -14.46
C PHE B 189 -14.48 -12.10 -13.70
N PRO B 190 -15.14 -11.82 -12.56
CA PRO B 190 -15.88 -12.84 -11.82
C PRO B 190 -16.97 -13.52 -12.65
N ASN B 191 -17.58 -12.75 -13.57
CA ASN B 191 -18.63 -13.25 -14.46
C ASN B 191 -18.12 -14.39 -15.33
N ARG B 192 -16.85 -14.28 -15.78
CA ARG B 192 -16.23 -15.29 -16.62
C ARG B 192 -15.89 -16.54 -15.80
N PHE B 193 -15.46 -16.33 -14.56
CA PHE B 193 -15.27 -17.46 -13.66
C PHE B 193 -16.60 -18.18 -13.45
N LEU B 194 -17.68 -17.41 -13.22
CA LEU B 194 -18.98 -17.99 -12.94
C LEU B 194 -19.54 -18.72 -14.15
N ALA B 195 -19.31 -18.17 -15.35
CA ALA B 195 -19.78 -18.79 -16.58
C ALA B 195 -19.01 -20.09 -16.81
N GLY B 196 -17.71 -20.06 -16.49
CA GLY B 196 -16.79 -21.16 -16.70
C GLY B 196 -17.12 -22.39 -15.85
N ILE B 197 -17.82 -22.22 -14.73
CA ILE B 197 -18.20 -23.34 -13.90
C ILE B 197 -19.67 -23.72 -14.13
N SER B 198 -20.38 -22.93 -14.95
CA SER B 198 -21.78 -23.22 -15.20
C SER B 198 -21.98 -24.54 -15.96
N PRO B 199 -21.03 -25.04 -16.78
CA PRO B 199 -21.22 -26.32 -17.48
C PRO B 199 -21.58 -27.51 -16.58
N PHE B 200 -21.28 -27.39 -15.27
CA PHE B 200 -21.63 -28.40 -14.29
C PHE B 200 -23.11 -28.70 -14.38
N LEU B 201 -23.91 -27.66 -14.70
CA LEU B 201 -25.35 -27.79 -14.82
C LEU B 201 -25.69 -28.72 -15.98
N ALA B 202 -25.14 -28.46 -17.17
CA ALA B 202 -25.41 -29.30 -18.33
C ALA B 202 -25.01 -30.75 -18.02
N GLU B 203 -23.90 -30.91 -17.28
CA GLU B 203 -23.30 -32.20 -16.99
C GLU B 203 -24.17 -33.00 -16.00
N ASN B 204 -24.99 -32.30 -15.21
CA ASN B 204 -25.77 -32.91 -14.14
C ASN B 204 -27.25 -32.55 -14.30
N ILE B 205 -27.66 -32.30 -15.55
CA ILE B 205 -28.98 -31.78 -15.84
C ILE B 205 -30.06 -32.80 -15.47
N GLU B 206 -29.68 -34.09 -15.35
CA GLU B 206 -30.59 -35.15 -14.93
C GLU B 206 -30.96 -35.00 -13.46
N HIS B 207 -30.15 -34.28 -12.67
CA HIS B 207 -30.49 -34.04 -11.28
C HIS B 207 -31.67 -33.06 -11.21
N PRO B 208 -32.73 -33.39 -10.45
CA PRO B 208 -33.93 -32.55 -10.35
C PRO B 208 -33.71 -31.12 -9.89
N ALA B 209 -32.74 -30.89 -9.01
CA ALA B 209 -32.49 -29.55 -8.49
C ALA B 209 -31.71 -28.72 -9.50
N ILE B 210 -30.86 -29.39 -10.29
CA ILE B 210 -30.11 -28.71 -11.35
C ILE B 210 -31.10 -28.32 -12.46
N HIS B 211 -31.93 -29.27 -12.89
CA HIS B 211 -32.94 -29.00 -13.90
C HIS B 211 -33.81 -27.81 -13.50
N SER B 212 -34.16 -27.75 -12.22
CA SER B 212 -35.07 -26.76 -11.67
C SER B 212 -34.39 -25.39 -11.60
N LEU B 213 -33.12 -25.36 -11.18
CA LEU B 213 -32.36 -24.12 -11.19
C LEU B 213 -32.37 -23.53 -12.60
N VAL B 214 -32.14 -24.37 -13.62
CA VAL B 214 -32.00 -23.86 -14.98
C VAL B 214 -33.34 -23.37 -15.53
N LEU B 215 -34.41 -24.14 -15.29
CA LEU B 215 -35.76 -23.81 -15.72
C LEU B 215 -36.19 -22.46 -15.15
N ASN B 216 -36.00 -22.28 -13.84
CA ASN B 216 -36.44 -21.07 -13.15
C ASN B 216 -35.57 -19.90 -13.59
N ALA B 217 -34.28 -20.11 -13.85
CA ALA B 217 -33.41 -19.04 -14.35
C ALA B 217 -33.94 -18.52 -15.69
N PHE B 218 -34.33 -19.47 -16.55
CA PHE B 218 -34.76 -19.22 -17.91
C PHE B 218 -36.11 -18.51 -17.90
N LYS B 219 -37.04 -19.00 -17.06
CA LYS B 219 -38.36 -18.38 -16.89
C LYS B 219 -38.20 -16.94 -16.42
N SER B 220 -37.22 -16.72 -15.53
CA SER B 220 -36.92 -15.38 -15.06
C SER B 220 -36.47 -14.50 -16.24
N PHE B 221 -35.60 -15.05 -17.11
CA PHE B 221 -35.15 -14.31 -18.28
C PHE B 221 -36.34 -13.90 -19.13
N LEU B 222 -37.25 -14.86 -19.40
CA LEU B 222 -38.33 -14.65 -20.35
C LEU B 222 -39.32 -13.64 -19.78
N THR B 223 -39.70 -13.80 -18.50
CA THR B 223 -40.69 -12.94 -17.86
C THR B 223 -40.15 -11.52 -17.72
N ARG B 224 -38.86 -11.39 -17.45
CA ARG B 224 -38.27 -10.10 -17.11
C ARG B 224 -37.72 -9.37 -18.33
N ASN B 225 -37.50 -10.07 -19.46
CA ASN B 225 -36.86 -9.46 -20.62
C ASN B 225 -37.73 -9.59 -21.88
N VAL B 226 -38.00 -10.83 -22.30
CA VAL B 226 -38.62 -11.10 -23.58
C VAL B 226 -40.05 -10.56 -23.60
N MET B 227 -40.72 -10.58 -22.45
CA MET B 227 -42.15 -10.32 -22.37
C MET B 227 -42.45 -8.81 -22.36
N GLN B 228 -41.40 -7.99 -22.43
CA GLN B 228 -41.55 -6.54 -22.53
C GLN B 228 -41.77 -6.17 -24.00
N PHE B 229 -41.55 -7.14 -24.90
CA PHE B 229 -41.84 -6.97 -26.32
C PHE B 229 -43.16 -7.64 -26.64
N ASP B 230 -43.56 -7.52 -27.92
CA ASP B 230 -44.81 -8.04 -28.45
C ASP B 230 -44.65 -9.55 -28.71
N TYR B 231 -44.58 -10.31 -27.61
CA TYR B 231 -44.17 -11.71 -27.65
C TYR B 231 -45.32 -12.59 -28.16
N THR B 232 -46.56 -12.08 -28.09
CA THR B 232 -47.70 -12.87 -28.56
C THR B 232 -47.84 -12.76 -30.08
N ARG B 233 -47.01 -11.94 -30.73
CA ARG B 233 -47.03 -11.75 -32.17
C ARG B 233 -45.74 -12.25 -32.80
N TYR B 234 -44.60 -11.99 -32.16
CA TYR B 234 -43.31 -12.27 -32.79
C TYR B 234 -42.66 -13.49 -32.14
N LYS B 235 -41.97 -14.28 -32.96
CA LYS B 235 -41.06 -15.32 -32.49
C LYS B 235 -39.90 -14.68 -31.74
N ALA B 236 -39.42 -15.39 -30.72
CA ALA B 236 -38.19 -15.12 -29.98
C ALA B 236 -37.10 -16.07 -30.46
N HIS B 237 -36.02 -15.50 -31.00
CA HIS B 237 -34.89 -16.28 -31.46
C HIS B 237 -33.80 -16.20 -30.39
N PHE B 238 -33.07 -17.30 -30.21
CA PHE B 238 -32.08 -17.39 -29.14
C PHE B 238 -30.74 -17.80 -29.73
N ILE B 239 -29.71 -17.01 -29.43
CA ILE B 239 -28.38 -17.28 -29.94
C ILE B 239 -27.42 -17.35 -28.76
N GLY B 240 -26.63 -18.42 -28.67
CA GLY B 240 -25.59 -18.47 -27.66
C GLY B 240 -25.34 -19.89 -27.15
N SER B 241 -24.21 -20.04 -26.46
CA SER B 241 -23.82 -21.32 -25.87
C SER B 241 -24.90 -21.80 -24.89
N VAL B 242 -25.45 -20.89 -24.08
CA VAL B 242 -26.43 -21.27 -23.09
C VAL B 242 -27.73 -21.68 -23.79
N ALA B 243 -28.16 -20.89 -24.78
CA ALA B 243 -29.35 -21.23 -25.56
C ALA B 243 -29.20 -22.63 -26.13
N TYR B 244 -28.00 -22.92 -26.63
CA TYR B 244 -27.69 -24.17 -27.29
C TYR B 244 -27.64 -25.35 -26.30
N TYR B 245 -26.81 -25.25 -25.25
CA TYR B 245 -26.52 -26.37 -24.38
C TYR B 245 -27.73 -26.70 -23.50
N TYR B 246 -28.70 -25.79 -23.39
CA TYR B 246 -29.86 -25.99 -22.53
C TYR B 246 -31.15 -25.80 -23.31
N LYS B 247 -31.07 -26.01 -24.64
CA LYS B 247 -32.15 -25.83 -25.60
C LYS B 247 -33.46 -26.41 -25.06
N ASP B 248 -33.45 -27.67 -24.60
CA ASP B 248 -34.67 -28.35 -24.19
C ASP B 248 -35.34 -27.61 -23.05
N ILE B 249 -34.54 -27.08 -22.13
CA ILE B 249 -35.08 -26.43 -20.95
C ILE B 249 -35.56 -25.02 -21.32
N LEU B 250 -34.89 -24.41 -22.30
CA LEU B 250 -35.34 -23.14 -22.84
C LEU B 250 -36.70 -23.32 -23.52
N GLU B 251 -36.82 -24.40 -24.31
CA GLU B 251 -38.09 -24.76 -24.95
C GLU B 251 -39.16 -25.00 -23.90
N GLU B 252 -38.79 -25.66 -22.80
CA GLU B 252 -39.70 -25.92 -21.69
C GLU B 252 -40.13 -24.61 -21.03
N ALA B 253 -39.15 -23.71 -20.79
CA ALA B 253 -39.40 -22.42 -20.18
C ALA B 253 -40.31 -21.57 -21.07
N ALA B 254 -40.12 -21.66 -22.39
CA ALA B 254 -40.89 -20.86 -23.33
C ALA B 254 -42.35 -21.34 -23.37
N ALA B 255 -42.55 -22.66 -23.39
CA ALA B 255 -43.87 -23.25 -23.35
C ALA B 255 -44.62 -22.82 -22.09
N ALA B 256 -43.88 -22.68 -20.97
CA ALA B 256 -44.49 -22.41 -19.68
C ALA B 256 -44.91 -20.93 -19.57
N THR B 257 -44.27 -20.05 -20.35
CA THR B 257 -44.50 -18.62 -20.22
C THR B 257 -45.33 -18.06 -21.38
N GLY B 258 -45.49 -18.85 -22.45
CA GLY B 258 -46.25 -18.42 -23.61
C GLY B 258 -45.41 -17.71 -24.68
N ILE B 259 -44.10 -17.98 -24.69
CA ILE B 259 -43.21 -17.48 -25.73
C ILE B 259 -43.10 -18.52 -26.84
N ARG B 260 -43.37 -18.09 -28.09
CA ARG B 260 -43.15 -18.87 -29.29
C ARG B 260 -41.70 -18.70 -29.73
N THR B 261 -40.96 -19.82 -29.78
CA THR B 261 -39.53 -19.81 -30.08
C THR B 261 -39.33 -19.82 -31.59
N GLY B 262 -38.21 -19.26 -32.04
CA GLY B 262 -37.79 -19.38 -33.43
C GLY B 262 -36.47 -20.16 -33.50
N THR B 263 -35.46 -19.54 -34.10
CA THR B 263 -34.13 -20.10 -34.19
C THR B 263 -33.59 -20.33 -32.78
N ILE B 264 -33.00 -21.50 -32.53
CA ILE B 264 -32.10 -21.70 -31.39
C ILE B 264 -30.78 -22.28 -31.90
N VAL B 265 -29.72 -21.45 -31.87
CA VAL B 265 -28.42 -21.82 -32.43
C VAL B 265 -27.31 -21.47 -31.42
N ARG B 266 -26.21 -22.23 -31.52
CA ARG B 266 -24.99 -22.02 -30.75
C ARG B 266 -24.47 -20.60 -30.95
N ASN B 267 -24.32 -20.17 -32.20
CA ASN B 267 -23.71 -18.88 -32.49
C ASN B 267 -24.27 -18.33 -33.81
N PRO B 268 -24.04 -17.04 -34.16
CA PRO B 268 -24.67 -16.43 -35.33
C PRO B 268 -23.94 -16.58 -36.67
N MET B 269 -22.79 -17.27 -36.67
CA MET B 269 -21.90 -17.31 -37.82
C MET B 269 -22.55 -18.01 -39.01
N GLU B 270 -23.19 -19.16 -38.75
CA GLU B 270 -23.97 -19.89 -39.73
C GLU B 270 -25.01 -18.98 -40.37
N GLY B 271 -25.81 -18.30 -39.53
CA GLY B 271 -26.78 -17.32 -39.99
C GLY B 271 -26.18 -16.16 -40.80
N LEU B 272 -25.05 -15.60 -40.34
CA LEU B 272 -24.49 -14.43 -41.00
C LEU B 272 -23.99 -14.81 -42.39
N ARG B 273 -23.46 -16.02 -42.52
CA ARG B 273 -23.00 -16.56 -43.79
C ARG B 273 -24.14 -16.61 -44.79
N THR B 274 -25.30 -17.09 -44.35
CA THR B 274 -26.48 -17.18 -45.18
C THR B 274 -26.94 -15.78 -45.55
N TYR B 275 -27.04 -14.92 -44.53
CA TYR B 275 -27.34 -13.51 -44.71
C TYR B 275 -26.54 -12.93 -45.88
N TYR B 276 -25.20 -13.05 -45.83
CA TYR B 276 -24.32 -12.34 -46.76
C TYR B 276 -24.26 -13.06 -48.10
N SER B 277 -24.69 -14.33 -48.12
CA SER B 277 -24.60 -15.11 -49.34
C SER B 277 -25.91 -15.01 -50.14
N THR B 278 -27.02 -14.73 -49.46
CA THR B 278 -28.33 -14.82 -50.09
C THR B 278 -29.10 -13.50 -49.93
N VAL B 279 -29.73 -13.35 -48.75
CA VAL B 279 -30.76 -12.36 -48.47
C VAL B 279 -30.20 -10.94 -48.50
N ALA B 280 -28.89 -10.78 -48.29
CA ALA B 280 -28.28 -9.46 -48.27
C ALA B 280 -27.01 -9.45 -49.12
N LYS B 281 -26.95 -10.35 -50.09
CA LYS B 281 -25.88 -10.40 -51.08
C LYS B 281 -25.81 -9.07 -51.81
N THR B 282 -24.63 -8.45 -51.83
CA THR B 282 -24.36 -7.32 -52.71
C THR B 282 -24.30 -7.83 -54.14
N VAL B 283 -25.08 -7.21 -55.03
CA VAL B 283 -25.19 -7.64 -56.41
C VAL B 283 -24.52 -6.62 -57.32
N MET C 1 -4.26 24.96 40.05
CA MET C 1 -2.87 24.67 39.62
C MET C 1 -2.87 24.28 38.14
N ILE C 2 -1.78 24.62 37.45
CA ILE C 2 -1.57 24.18 36.08
C ILE C 2 -0.29 23.34 36.04
N LEU C 3 -0.29 22.33 35.17
CA LEU C 3 0.87 21.47 34.99
C LEU C 3 1.46 21.76 33.61
N ILE C 4 2.79 21.93 33.59
CA ILE C 4 3.56 22.28 32.40
C ILE C 4 4.68 21.27 32.23
N ALA C 5 4.88 20.78 31.00
CA ALA C 5 5.93 19.81 30.73
C ALA C 5 6.64 20.18 29.42
N ASP C 6 7.95 19.91 29.40
CA ASP C 6 8.70 19.87 28.15
C ASP C 6 9.42 18.53 28.08
N SER C 7 9.15 17.78 27.02
CA SER C 7 9.58 16.39 26.95
C SER C 7 10.55 16.18 25.78
N GLY C 8 11.59 15.39 26.05
CA GLY C 8 12.49 14.88 25.03
C GLY C 8 12.35 13.37 24.92
N SER C 9 13.29 12.72 24.24
CA SER C 9 13.28 11.27 24.17
C SER C 9 14.07 10.66 25.34
N THR C 10 14.72 11.52 26.13
CA THR C 10 15.54 11.12 27.26
C THR C 10 14.80 11.38 28.58
N LYS C 11 14.20 12.58 28.68
CA LYS C 11 13.70 13.13 29.93
C LYS C 11 12.48 14.02 29.68
N THR C 12 11.64 14.16 30.73
CA THR C 12 10.56 15.12 30.75
C THR C 12 10.72 16.01 31.98
N HIS C 13 10.68 17.33 31.75
CA HIS C 13 10.75 18.35 32.79
C HIS C 13 9.34 18.86 33.05
N TRP C 14 8.83 18.58 34.25
CA TRP C 14 7.51 19.05 34.65
C TRP C 14 7.67 20.22 35.62
N ASN C 15 6.78 21.22 35.51
CA ASN C 15 6.62 22.23 36.53
C ASN C 15 5.14 22.30 36.93
N VAL C 16 4.89 22.45 38.24
CA VAL C 16 3.55 22.73 38.74
C VAL C 16 3.50 24.20 39.13
N LEU C 17 2.54 24.94 38.55
CA LEU C 17 2.29 26.33 38.86
C LEU C 17 0.95 26.41 39.59
N ASP C 18 0.96 27.12 40.74
CA ASP C 18 -0.25 27.42 41.47
C ASP C 18 -0.05 28.79 42.12
N GLN C 19 -1.11 29.59 42.10
CA GLN C 19 -1.12 30.90 42.74
C GLN C 19 0.09 31.73 42.30
N GLY C 20 0.41 31.65 41.00
CA GLY C 20 1.36 32.56 40.36
C GLY C 20 2.82 32.10 40.40
N ARG C 21 3.12 31.07 41.19
CA ARG C 21 4.50 30.64 41.40
C ARG C 21 4.65 29.13 41.22
N VAL C 22 5.92 28.67 41.19
CA VAL C 22 6.25 27.28 40.90
C VAL C 22 6.35 26.50 42.21
N ILE C 23 5.39 25.59 42.42
CA ILE C 23 5.27 24.87 43.68
C ILE C 23 5.75 23.43 43.49
N GLY C 24 6.27 23.12 42.30
CA GLY C 24 6.78 21.78 42.04
C GLY C 24 7.65 21.73 40.79
N GLU C 25 8.70 20.89 40.86
CA GLU C 25 9.51 20.51 39.72
C GLU C 25 9.78 19.00 39.79
N ILE C 26 9.39 18.28 38.74
CA ILE C 26 9.48 16.82 38.70
C ILE C 26 10.17 16.41 37.41
N PHE C 27 11.02 15.39 37.48
CA PHE C 27 11.63 14.83 36.28
C PHE C 27 11.22 13.36 36.14
N THR C 28 10.85 13.00 34.90
CA THR C 28 10.53 11.63 34.53
C THR C 28 11.31 11.29 33.26
N LYS C 29 11.18 10.03 32.79
CA LYS C 29 11.77 9.58 31.55
C LYS C 29 11.17 10.38 30.38
N GLY C 30 11.86 10.32 29.23
CA GLY C 30 11.37 10.94 28.00
C GLY C 30 10.01 10.38 27.60
N MET C 31 9.26 11.18 26.84
CA MET C 31 7.90 10.82 26.45
C MET C 31 7.68 11.16 24.99
N ASN C 32 8.61 10.72 24.13
CA ASN C 32 8.49 10.88 22.70
C ASN C 32 7.74 9.67 22.12
N PRO C 33 6.51 9.86 21.60
CA PRO C 33 5.69 8.71 21.17
C PRO C 33 6.24 7.95 19.96
N PHE C 34 7.43 8.35 19.49
CA PHE C 34 8.15 7.65 18.44
C PHE C 34 9.16 6.69 19.05
N PHE C 35 9.42 6.85 20.36
CA PHE C 35 10.33 5.95 21.06
C PHE C 35 9.56 5.16 22.11
N GLN C 36 8.85 5.87 23.00
CA GLN C 36 8.08 5.22 24.05
C GLN C 36 6.71 4.82 23.51
N THR C 37 6.26 3.64 23.94
CA THR C 37 4.90 3.19 23.71
C THR C 37 3.97 3.91 24.68
N PRO C 38 2.65 4.01 24.40
CA PRO C 38 1.71 4.65 25.32
C PRO C 38 1.68 3.94 26.67
N GLU C 39 1.76 2.61 26.63
CA GLU C 39 1.76 1.76 27.81
C GLU C 39 2.85 2.18 28.79
N GLU C 40 4.07 2.39 28.28
CA GLU C 40 5.24 2.74 29.07
C GLU C 40 5.13 4.17 29.60
N MET C 41 4.64 5.07 28.74
CA MET C 41 4.42 6.47 29.09
C MET C 41 3.45 6.56 30.27
N GLY C 42 2.29 5.89 30.15
CA GLY C 42 1.27 5.86 31.18
C GLY C 42 1.78 5.27 32.50
N ARG C 43 2.57 4.19 32.40
CA ARG C 43 3.15 3.53 33.56
C ARG C 43 4.12 4.46 34.28
N GLU C 44 4.91 5.23 33.50
CA GLU C 44 5.96 6.08 34.03
C GLU C 44 5.36 7.27 34.81
N ILE C 45 4.24 7.82 34.34
CA ILE C 45 3.61 8.96 34.97
C ILE C 45 3.01 8.53 36.32
N GLU C 46 2.30 7.39 36.32
CA GLU C 46 1.67 6.86 37.52
C GLU C 46 2.72 6.45 38.55
N ARG C 47 3.92 6.06 38.08
CA ARG C 47 4.97 5.61 38.98
C ARG C 47 5.77 6.78 39.56
N THR C 48 6.23 7.72 38.71
CA THR C 48 7.18 8.71 39.22
C THR C 48 6.60 10.13 39.28
N LEU C 49 5.58 10.42 38.46
CA LEU C 49 5.04 11.78 38.53
C LEU C 49 4.00 11.89 39.66
N LEU C 50 2.96 11.05 39.62
CA LEU C 50 1.78 11.20 40.47
C LEU C 50 2.14 11.19 41.96
N PRO C 51 3.02 10.29 42.47
CA PRO C 51 3.34 10.27 43.89
C PRO C 51 4.06 11.52 44.39
N GLN C 52 4.44 12.42 43.47
CA GLN C 52 5.21 13.60 43.82
C GLN C 52 4.34 14.86 43.77
N LEU C 53 3.17 14.75 43.14
CA LEU C 53 2.14 15.78 43.18
C LEU C 53 1.31 15.55 44.44
N ASN C 54 0.58 16.57 44.91
CA ASN C 54 -0.29 16.35 46.06
C ASN C 54 -1.65 15.81 45.60
N SER C 55 -1.95 15.96 44.30
CA SER C 55 -3.08 15.30 43.65
C SER C 55 -2.92 15.39 42.14
N ASN C 56 -3.85 14.72 41.43
CA ASN C 56 -3.85 14.69 39.98
C ASN C 56 -4.81 15.75 39.42
N ARG C 57 -5.23 16.69 40.26
CA ARG C 57 -6.18 17.72 39.86
C ARG C 57 -5.44 18.96 39.36
N PHE C 58 -5.78 19.37 38.13
CA PHE C 58 -5.23 20.56 37.52
C PHE C 58 -6.35 21.29 36.78
N CYS C 59 -6.20 22.61 36.63
CA CYS C 59 -7.11 23.37 35.78
C CYS C 59 -6.72 23.12 34.32
N GLU C 60 -5.41 23.10 34.06
CA GLU C 60 -4.87 22.95 32.73
C GLU C 60 -3.61 22.09 32.81
N VAL C 61 -3.35 21.34 31.74
CA VAL C 61 -2.05 20.75 31.47
C VAL C 61 -1.56 21.33 30.13
N HIS C 62 -0.27 21.64 30.05
CA HIS C 62 0.37 22.09 28.82
C HIS C 62 1.62 21.26 28.59
N PHE C 63 1.49 20.25 27.72
CA PHE C 63 2.56 19.30 27.50
C PHE C 63 3.17 19.54 26.12
N PHE C 64 4.49 19.67 26.07
CA PHE C 64 5.20 19.91 24.83
C PHE C 64 6.34 18.90 24.72
N GLY C 65 6.43 18.20 23.59
CA GLY C 65 7.49 17.23 23.41
C GLY C 65 7.81 16.97 21.94
N ALA C 66 9.06 16.57 21.70
CA ALA C 66 9.50 15.96 20.46
C ALA C 66 8.59 14.78 20.11
N GLY C 67 8.26 14.66 18.82
CA GLY C 67 7.43 13.57 18.32
C GLY C 67 5.94 13.81 18.50
N CYS C 68 5.56 14.88 19.22
CA CYS C 68 4.15 15.18 19.44
C CYS C 68 3.57 15.91 18.23
N ILE C 69 3.78 15.32 17.04
CA ILE C 69 3.23 15.81 15.79
C ILE C 69 1.74 15.43 15.73
N PRO C 70 0.93 16.11 14.89
CA PRO C 70 -0.53 15.89 14.87
C PRO C 70 -1.05 14.46 14.99
N GLU C 71 -0.43 13.52 14.27
CA GLU C 71 -0.89 12.13 14.29
C GLU C 71 -0.70 11.50 15.67
N LYS C 72 0.21 12.06 16.50
CA LYS C 72 0.57 11.45 17.76
C LYS C 72 -0.03 12.16 18.98
N VAL C 73 -0.59 13.37 18.81
CA VAL C 73 -1.09 14.07 19.98
C VAL C 73 -2.29 13.33 20.59
N PRO C 74 -3.21 12.69 19.83
CA PRO C 74 -4.27 11.89 20.44
C PRO C 74 -3.74 10.85 21.43
N VAL C 75 -2.65 10.18 21.07
CA VAL C 75 -2.04 9.15 21.90
C VAL C 75 -1.55 9.75 23.21
N VAL C 76 -0.81 10.87 23.12
CA VAL C 76 -0.22 11.51 24.29
C VAL C 76 -1.31 12.10 25.19
N ARG C 77 -2.25 12.84 24.61
CA ARG C 77 -3.35 13.43 25.36
C ARG C 77 -4.10 12.34 26.11
N ASN C 78 -4.22 11.19 25.45
CA ASN C 78 -4.97 10.05 25.94
C ASN C 78 -4.30 9.46 27.18
N VAL C 79 -2.96 9.39 27.16
CA VAL C 79 -2.19 8.92 28.31
C VAL C 79 -2.37 9.90 29.46
N LEU C 80 -2.23 11.21 29.15
CA LEU C 80 -2.34 12.27 30.14
C LEU C 80 -3.71 12.22 30.82
N LYS C 81 -4.78 12.14 30.01
CA LYS C 81 -6.16 12.14 30.49
C LYS C 81 -6.41 10.95 31.40
N GLY C 82 -5.64 9.87 31.20
CA GLY C 82 -5.75 8.65 31.99
C GLY C 82 -5.28 8.82 33.43
N CYS C 83 -4.26 9.66 33.62
CA CYS C 83 -3.58 9.81 34.91
C CYS C 83 -4.02 11.08 35.63
N LEU C 84 -4.45 12.08 34.86
CA LEU C 84 -4.70 13.41 35.39
C LEU C 84 -6.18 13.77 35.25
N ASP C 85 -6.70 14.42 36.29
CA ASP C 85 -8.05 14.94 36.34
C ASP C 85 -8.01 16.45 36.05
N VAL C 86 -8.25 16.81 34.79
CA VAL C 86 -8.07 18.19 34.35
C VAL C 86 -9.44 18.77 33.99
N SER C 87 -9.74 19.96 34.51
CA SER C 87 -11.07 20.55 34.39
C SER C 87 -11.18 21.37 33.10
N SER C 88 -10.06 21.86 32.57
CA SER C 88 -10.07 22.56 31.31
C SER C 88 -9.19 21.85 30.28
N LEU C 89 -8.22 22.59 29.75
CA LEU C 89 -7.52 22.26 28.53
C LEU C 89 -6.43 21.24 28.85
N ILE C 90 -6.40 20.11 28.13
CA ILE C 90 -5.13 19.40 28.00
C ILE C 90 -4.53 19.69 26.62
N GLU C 91 -3.49 20.52 26.62
CA GLU C 91 -2.81 20.87 25.39
C GLU C 91 -1.60 19.97 25.20
N VAL C 92 -1.49 19.38 24.01
CA VAL C 92 -0.33 18.58 23.64
C VAL C 92 0.22 19.15 22.34
N ASP C 93 1.49 19.56 22.36
CA ASP C 93 2.08 20.07 21.14
C ASP C 93 3.58 19.79 21.16
N THR C 94 4.27 20.31 20.13
CA THR C 94 5.67 20.00 19.90
C THR C 94 6.56 20.81 20.83
N ASP C 95 7.79 20.33 20.96
CA ASP C 95 8.86 21.08 21.61
C ASP C 95 9.09 22.41 20.88
N MET C 96 8.81 22.47 19.57
CA MET C 96 8.98 23.70 18.79
C MET C 96 8.02 24.78 19.28
N LEU C 97 6.77 24.39 19.63
CA LEU C 97 5.81 25.37 20.10
C LEU C 97 6.22 25.91 21.47
N ALA C 98 6.75 25.01 22.31
CA ALA C 98 7.23 25.40 23.63
C ALA C 98 8.33 26.46 23.47
N ALA C 99 9.27 26.20 22.56
CA ALA C 99 10.38 27.10 22.29
C ALA C 99 9.84 28.46 21.80
N ALA C 100 8.76 28.40 21.01
CA ALA C 100 8.13 29.59 20.44
C ALA C 100 7.45 30.42 21.54
N LYS C 101 6.64 29.77 22.38
CA LYS C 101 5.99 30.44 23.49
C LYS C 101 7.03 31.04 24.43
N ALA C 102 8.09 30.26 24.68
CA ALA C 102 9.13 30.61 25.62
C ALA C 102 9.87 31.87 25.18
N SER C 103 10.14 32.00 23.88
CA SER C 103 11.06 33.03 23.41
C SER C 103 10.30 34.25 22.89
N CYS C 104 9.03 34.06 22.47
CA CYS C 104 8.32 35.05 21.69
C CYS C 104 7.05 35.54 22.37
N GLY C 105 6.51 34.73 23.29
CA GLY C 105 5.23 35.08 23.89
C GLY C 105 4.14 35.10 22.82
N ARG C 106 3.44 36.23 22.69
CA ARG C 106 2.30 36.36 21.79
C ARG C 106 2.70 37.01 20.47
N SER C 107 4.02 37.23 20.29
CA SER C 107 4.58 37.95 19.17
C SER C 107 5.14 36.99 18.12
N PRO C 108 5.08 37.33 16.82
CA PRO C 108 5.70 36.50 15.77
C PRO C 108 7.22 36.47 15.94
N GLY C 109 7.85 35.42 15.41
CA GLY C 109 9.29 35.29 15.41
C GLY C 109 9.73 34.01 14.72
N ILE C 110 10.99 34.01 14.27
CA ILE C 110 11.66 32.81 13.82
C ILE C 110 12.23 32.14 15.07
N VAL C 111 11.98 30.83 15.22
CA VAL C 111 12.29 30.10 16.44
C VAL C 111 13.08 28.85 16.05
N CYS C 112 14.26 28.70 16.66
CA CYS C 112 15.15 27.58 16.36
C CYS C 112 15.47 26.82 17.65
N ILE C 113 15.39 25.49 17.57
CA ILE C 113 15.96 24.61 18.58
C ILE C 113 17.32 24.15 18.07
N MET C 114 18.31 24.18 18.97
CA MET C 114 19.62 23.65 18.63
C MET C 114 20.12 22.83 19.81
N GLY C 115 19.83 21.52 19.78
CA GLY C 115 20.26 20.63 20.83
C GLY C 115 20.96 19.41 20.25
N THR C 116 20.52 18.23 20.71
CA THR C 116 20.94 16.98 20.10
C THR C 116 20.55 16.98 18.62
N GLY C 117 19.32 17.43 18.33
CA GLY C 117 18.89 17.75 16.99
C GLY C 117 18.73 19.27 16.78
N SER C 118 18.40 19.67 15.55
CA SER C 118 18.04 21.06 15.34
C SER C 118 16.71 21.14 14.61
N ASN C 119 16.10 22.32 14.63
CA ASN C 119 14.82 22.56 13.99
C ASN C 119 14.63 24.07 13.89
N SER C 120 13.87 24.53 12.89
CA SER C 120 13.55 25.95 12.78
C SER C 120 12.11 26.10 12.28
N CYS C 121 11.48 27.22 12.65
CA CYS C 121 10.08 27.45 12.30
C CYS C 121 9.77 28.94 12.40
N PHE C 122 8.65 29.32 11.80
CA PHE C 122 8.10 30.66 11.97
C PHE C 122 6.82 30.59 12.79
N TYR C 123 6.84 31.36 13.89
CA TYR C 123 5.76 31.40 14.85
C TYR C 123 5.01 32.71 14.64
N ASP C 124 3.68 32.63 14.51
CA ASP C 124 2.90 33.79 14.10
C ASP C 124 2.38 34.53 15.32
N GLY C 125 2.74 34.05 16.52
CA GLY C 125 2.26 34.65 17.75
C GLY C 125 1.27 33.75 18.50
N GLU C 126 0.65 32.81 17.77
CA GLU C 126 -0.29 31.87 18.36
C GLU C 126 0.17 30.42 18.10
N LYS C 127 0.61 30.14 16.88
CA LYS C 127 0.97 28.80 16.45
C LYS C 127 2.16 28.89 15.48
N ILE C 128 2.76 27.72 15.22
CA ILE C 128 3.71 27.55 14.14
C ILE C 128 2.94 27.63 12.82
N ALA C 129 3.35 28.57 11.96
CA ALA C 129 2.77 28.78 10.65
C ALA C 129 3.59 28.05 9.59
N ALA C 130 4.92 28.14 9.72
CA ALA C 130 5.81 27.48 8.77
C ALA C 130 6.92 26.76 9.53
N ASN C 131 7.41 25.67 8.93
CA ASN C 131 8.46 24.85 9.53
C ASN C 131 9.35 24.26 8.44
N VAL C 132 10.66 24.18 8.73
CA VAL C 132 11.58 23.42 7.90
C VAL C 132 11.85 22.11 8.63
N SER C 133 11.35 21.00 8.06
CA SER C 133 11.60 19.67 8.60
C SER C 133 13.10 19.48 8.77
N PRO C 134 13.59 19.11 9.97
CA PRO C 134 15.04 18.98 10.19
C PRO C 134 15.71 17.82 9.47
N LEU C 135 15.00 16.66 9.39
CA LEU C 135 15.37 15.51 8.58
C LEU C 135 16.30 14.52 9.32
N GLY C 136 16.80 14.85 10.51
CA GLY C 136 17.62 13.92 11.27
C GLY C 136 19.12 14.10 11.04
N PHE C 137 19.94 13.33 11.78
CA PHE C 137 21.37 13.61 11.87
C PHE C 137 22.11 13.19 10.60
N ILE C 138 21.47 12.32 9.80
CA ILE C 138 22.10 11.85 8.57
C ILE C 138 21.86 12.86 7.46
N LEU C 139 20.59 13.20 7.23
CA LEU C 139 20.18 14.00 6.09
C LEU C 139 20.25 15.49 6.39
N GLY C 140 20.17 15.87 7.67
CA GLY C 140 20.01 17.29 7.96
C GLY C 140 20.46 17.63 9.38
N ASP C 141 19.54 18.25 10.13
CA ASP C 141 19.79 18.72 11.49
C ASP C 141 21.07 19.53 11.56
N GLU C 142 21.32 20.39 10.56
CA GLU C 142 22.53 21.20 10.56
C GLU C 142 22.67 21.92 11.91
N GLY C 143 23.92 22.08 12.35
CA GLY C 143 24.26 22.77 13.58
C GLY C 143 23.83 22.04 14.86
N SER C 144 23.37 20.79 14.75
CA SER C 144 22.92 20.07 15.93
C SER C 144 24.10 19.41 16.63
N GLY C 145 23.89 18.98 17.88
CA GLY C 145 24.92 18.28 18.64
C GLY C 145 25.44 17.06 17.91
N ALA C 146 24.51 16.27 17.34
CA ALA C 146 24.84 15.04 16.64
C ALA C 146 25.61 15.34 15.36
N VAL C 147 25.23 16.40 14.66
CA VAL C 147 25.87 16.71 13.38
C VAL C 147 27.25 17.31 13.61
N LEU C 148 27.39 18.13 14.66
CA LEU C 148 28.68 18.63 15.08
C LEU C 148 29.63 17.46 15.36
N GLY C 149 29.14 16.45 16.09
CA GLY C 149 29.90 15.23 16.36
C GLY C 149 30.28 14.51 15.07
N LYS C 150 29.32 14.39 14.15
CA LYS C 150 29.50 13.70 12.89
C LYS C 150 30.60 14.38 12.07
N LEU C 151 30.54 15.72 12.00
CA LEU C 151 31.49 16.53 11.24
C LEU C 151 32.88 16.39 11.86
N LEU C 152 32.93 16.36 13.20
CA LEU C 152 34.19 16.33 13.93
C LEU C 152 34.89 14.98 13.75
N ILE C 153 34.15 13.87 13.92
CA ILE C 153 34.75 12.56 13.78
C ILE C 153 35.30 12.40 12.37
N GLY C 154 34.49 12.78 11.37
CA GLY C 154 34.90 12.77 9.98
C GLY C 154 36.19 13.56 9.74
N ASP C 155 36.22 14.83 10.18
CA ASP C 155 37.38 15.68 9.95
C ASP C 155 38.63 15.12 10.62
N LEU C 156 38.46 14.59 11.84
CA LEU C 156 39.62 14.12 12.58
C LEU C 156 40.24 12.90 11.89
N LEU C 157 39.42 11.87 11.63
CA LEU C 157 39.91 10.60 11.12
C LEU C 157 40.42 10.74 9.67
N LYS C 158 39.88 11.71 8.93
CA LYS C 158 40.33 11.96 7.56
C LYS C 158 41.47 12.98 7.56
N ASN C 159 42.05 13.22 8.75
CA ASN C 159 43.26 13.99 8.94
C ASN C 159 43.11 15.41 8.38
N GLN C 160 42.00 16.07 8.72
CA GLN C 160 41.70 17.39 8.19
C GLN C 160 42.00 18.47 9.24
N MET C 161 42.40 18.05 10.45
CA MET C 161 42.53 18.97 11.56
C MET C 161 43.88 18.75 12.26
N GLY C 162 44.71 17.87 11.69
CA GLY C 162 46.04 17.59 12.21
C GLY C 162 46.06 16.38 13.15
N GLU C 163 47.27 15.83 13.35
CA GLU C 163 47.52 14.67 14.17
C GLU C 163 47.17 14.92 15.64
N GLU C 164 47.48 16.13 16.14
CA GLU C 164 47.42 16.42 17.55
C GLU C 164 45.99 16.39 18.09
N LEU C 165 45.05 17.01 17.35
CA LEU C 165 43.66 17.03 17.78
C LEU C 165 43.05 15.64 17.68
N LYS C 166 43.42 14.89 16.64
CA LYS C 166 42.95 13.54 16.38
C LYS C 166 43.38 12.61 17.51
N GLU C 167 44.67 12.69 17.88
CA GLU C 167 45.22 11.85 18.94
C GLU C 167 44.56 12.19 20.28
N LYS C 168 44.32 13.48 20.49
CA LYS C 168 43.75 13.99 21.74
C LYS C 168 42.31 13.50 21.89
N PHE C 169 41.57 13.51 20.77
CA PHE C 169 40.18 13.11 20.75
C PHE C 169 40.08 11.61 21.03
N LEU C 170 40.93 10.82 20.39
CA LEU C 170 40.85 9.37 20.50
C LEU C 170 41.17 8.88 21.92
N ARG C 171 42.22 9.41 22.54
CA ARG C 171 42.56 8.94 23.88
C ARG C 171 41.67 9.59 24.94
N GLN C 172 41.16 10.80 24.67
CA GLN C 172 40.26 11.48 25.60
C GLN C 172 39.00 10.65 25.83
N TYR C 173 38.49 10.04 24.76
CA TYR C 173 37.23 9.30 24.77
C TYR C 173 37.47 7.79 24.72
N GLU C 174 38.75 7.38 24.79
CA GLU C 174 39.09 5.96 24.73
C GLU C 174 38.40 5.30 23.53
N LEU C 175 38.51 5.96 22.37
CA LEU C 175 37.92 5.47 21.14
C LEU C 175 39.01 4.99 20.19
N THR C 176 38.61 4.09 19.28
CA THR C 176 39.36 3.71 18.09
C THR C 176 38.42 3.82 16.90
N PRO C 177 38.92 3.97 15.66
CA PRO C 177 38.04 4.02 14.48
C PRO C 177 36.99 2.91 14.40
N ALA C 178 37.39 1.66 14.70
CA ALA C 178 36.50 0.52 14.52
C ALA C 178 35.40 0.56 15.57
N ASN C 179 35.74 1.12 16.74
CA ASN C 179 34.82 1.35 17.84
C ASN C 179 33.76 2.35 17.37
N ILE C 180 34.25 3.43 16.72
CA ILE C 180 33.40 4.51 16.25
C ILE C 180 32.41 3.96 15.21
N ILE C 181 32.90 3.13 14.27
CA ILE C 181 32.08 2.58 13.21
C ILE C 181 30.94 1.78 13.82
N GLU C 182 31.28 0.88 14.75
CA GLU C 182 30.29 0.04 15.42
C GLU C 182 29.19 0.93 16.00
N ARG C 183 29.59 1.97 16.75
CA ARG C 183 28.66 2.80 17.50
C ARG C 183 27.73 3.56 16.55
N VAL C 184 28.31 4.11 15.48
CA VAL C 184 27.61 4.98 14.55
C VAL C 184 26.64 4.17 13.67
N TYR C 185 27.04 2.96 13.23
CA TYR C 185 26.32 2.26 12.19
C TYR C 185 25.57 1.03 12.70
N ARG C 186 25.92 0.52 13.89
CA ARG C 186 25.47 -0.79 14.31
C ARG C 186 24.87 -0.80 15.72
N GLN C 187 24.94 0.32 16.45
CA GLN C 187 24.44 0.35 17.82
C GLN C 187 23.25 1.31 17.92
N PRO C 188 22.40 1.19 18.96
CA PRO C 188 21.30 2.13 19.18
C PRO C 188 21.74 3.59 19.44
N PHE C 189 20.85 4.53 19.07
CA PHE C 189 20.98 5.96 19.35
C PHE C 189 22.37 6.49 18.96
N PRO C 190 22.80 6.30 17.70
CA PRO C 190 24.08 6.84 17.24
C PRO C 190 24.13 8.36 17.25
N ASN C 191 22.95 8.99 17.18
CA ASN C 191 22.82 10.44 17.25
C ASN C 191 23.26 10.93 18.64
N ARG C 192 22.88 10.17 19.67
CA ARG C 192 23.20 10.49 21.05
C ARG C 192 24.68 10.27 21.32
N PHE C 193 25.22 9.19 20.74
CA PHE C 193 26.65 8.92 20.82
C PHE C 193 27.44 10.09 20.24
N LEU C 194 27.03 10.55 19.05
CA LEU C 194 27.72 11.62 18.34
C LEU C 194 27.60 12.94 19.10
N ALA C 195 26.43 13.22 19.67
CA ALA C 195 26.25 14.45 20.42
C ALA C 195 27.14 14.43 21.66
N GLY C 196 27.33 13.23 22.23
CA GLY C 196 28.11 12.98 23.43
C GLY C 196 29.61 13.22 23.26
N ILE C 197 30.10 13.27 22.02
CA ILE C 197 31.51 13.54 21.79
C ILE C 197 31.71 14.96 21.25
N SER C 198 30.60 15.67 21.03
CA SER C 198 30.63 17.02 20.48
C SER C 198 31.21 18.03 21.49
N PRO C 199 31.07 17.84 22.83
CA PRO C 199 31.68 18.75 23.80
C PRO C 199 33.17 18.99 23.59
N PHE C 200 33.83 18.08 22.87
CA PHE C 200 35.22 18.25 22.50
C PHE C 200 35.42 19.57 21.79
N LEU C 201 34.41 20.01 21.02
CA LEU C 201 34.49 21.25 20.26
C LEU C 201 34.60 22.44 21.20
N ALA C 202 33.65 22.53 22.14
CA ALA C 202 33.61 23.57 23.16
C ALA C 202 34.91 23.60 23.96
N GLU C 203 35.47 22.39 24.22
CA GLU C 203 36.69 22.27 25.01
C GLU C 203 37.87 22.87 24.24
N ASN C 204 37.85 22.80 22.91
CA ASN C 204 39.01 23.15 22.09
C ASN C 204 38.67 24.27 21.11
N ILE C 205 37.68 25.11 21.46
CA ILE C 205 37.06 26.07 20.54
C ILE C 205 38.08 27.14 20.11
N GLU C 206 39.15 27.29 20.89
CA GLU C 206 40.17 28.28 20.61
C GLU C 206 41.08 27.80 19.47
N HIS C 207 41.04 26.50 19.18
CA HIS C 207 41.75 25.98 18.03
C HIS C 207 41.03 26.41 16.74
N PRO C 208 41.76 27.07 15.79
CA PRO C 208 41.14 27.63 14.59
C PRO C 208 40.32 26.63 13.77
N ALA C 209 40.85 25.41 13.63
CA ALA C 209 40.20 24.34 12.90
C ALA C 209 38.90 23.92 13.60
N ILE C 210 38.89 23.93 14.94
CA ILE C 210 37.68 23.63 15.71
C ILE C 210 36.66 24.76 15.50
N HIS C 211 37.14 26.00 15.64
CA HIS C 211 36.31 27.19 15.51
C HIS C 211 35.60 27.23 14.16
N SER C 212 36.33 26.92 13.08
CA SER C 212 35.80 26.91 11.72
C SER C 212 34.70 25.86 11.56
N LEU C 213 34.94 24.65 12.07
CA LEU C 213 33.98 23.56 11.92
C LEU C 213 32.64 24.01 12.48
N VAL C 214 32.66 24.56 13.71
CA VAL C 214 31.44 24.99 14.38
C VAL C 214 30.84 26.19 13.64
N LEU C 215 31.69 27.10 13.15
CA LEU C 215 31.20 28.29 12.48
C LEU C 215 30.50 27.89 11.17
N ASN C 216 31.17 27.07 10.37
CA ASN C 216 30.61 26.65 9.09
C ASN C 216 29.38 25.78 9.30
N ALA C 217 29.31 25.08 10.43
CA ALA C 217 28.18 24.21 10.69
C ALA C 217 26.95 25.05 11.03
N PHE C 218 27.18 26.19 11.70
CA PHE C 218 26.10 27.10 12.08
C PHE C 218 25.65 27.92 10.87
N LYS C 219 26.61 28.37 10.05
CA LYS C 219 26.27 29.06 8.81
C LYS C 219 25.33 28.18 8.00
N SER C 220 25.75 26.92 7.81
CA SER C 220 25.00 25.93 7.06
C SER C 220 23.55 25.82 7.57
N PHE C 221 23.35 25.76 8.89
CA PHE C 221 22.03 25.66 9.49
C PHE C 221 21.18 26.89 9.19
N LEU C 222 21.78 28.09 9.33
CA LEU C 222 21.06 29.35 9.18
C LEU C 222 20.69 29.51 7.71
N THR C 223 21.61 29.14 6.83
CA THR C 223 21.43 29.22 5.38
C THR C 223 20.30 28.28 4.94
N ARG C 224 20.32 27.04 5.43
CA ARG C 224 19.42 26.01 4.91
C ARG C 224 18.08 26.02 5.64
N ASN C 225 18.01 26.66 6.83
CA ASN C 225 16.84 26.48 7.68
C ASN C 225 16.18 27.82 8.01
N VAL C 226 16.97 28.83 8.36
CA VAL C 226 16.42 30.07 8.88
C VAL C 226 16.08 31.01 7.72
N MET C 227 16.93 30.98 6.69
CA MET C 227 16.86 31.92 5.59
C MET C 227 15.66 31.64 4.67
N GLN C 228 14.84 30.64 5.00
CA GLN C 228 13.64 30.33 4.24
C GLN C 228 12.45 31.13 4.77
N PHE C 229 12.66 31.76 5.93
CA PHE C 229 11.64 32.61 6.54
C PHE C 229 12.03 34.06 6.28
N ASP C 230 11.20 35.01 6.77
CA ASP C 230 11.39 36.43 6.52
C ASP C 230 12.41 36.97 7.52
N TYR C 231 13.65 36.47 7.41
CA TYR C 231 14.71 36.74 8.36
C TYR C 231 15.07 38.22 8.37
N THR C 232 14.72 38.96 7.29
CA THR C 232 14.99 40.38 7.18
C THR C 232 14.13 41.17 8.16
N ARG C 233 12.96 40.61 8.49
CA ARG C 233 11.93 41.29 9.29
C ARG C 233 11.86 40.71 10.70
N TYR C 234 11.98 39.38 10.84
CA TYR C 234 11.77 38.76 12.15
C TYR C 234 13.10 38.40 12.79
N LYS C 235 13.19 38.59 14.12
CA LYS C 235 14.30 38.07 14.90
C LYS C 235 14.23 36.55 14.88
N ALA C 236 15.40 35.91 15.00
CA ALA C 236 15.51 34.47 15.17
C ALA C 236 15.90 34.16 16.63
N HIS C 237 15.09 33.32 17.28
CA HIS C 237 15.30 32.92 18.67
C HIS C 237 15.84 31.49 18.70
N PHE C 238 16.78 31.24 19.62
CA PHE C 238 17.48 29.97 19.65
C PHE C 238 17.40 29.37 21.05
N ILE C 239 16.95 28.12 21.12
CA ILE C 239 16.83 27.42 22.39
C ILE C 239 17.52 26.07 22.24
N GLY C 240 18.39 25.74 23.21
CA GLY C 240 19.00 24.42 23.26
C GLY C 240 20.40 24.46 23.84
N SER C 241 20.94 23.27 24.10
CA SER C 241 22.28 23.12 24.65
C SER C 241 23.32 23.69 23.69
N VAL C 242 23.15 23.46 22.39
CA VAL C 242 24.16 23.87 21.41
C VAL C 242 24.18 25.39 21.24
N ALA C 243 22.99 25.99 21.12
CA ALA C 243 22.86 27.44 21.00
C ALA C 243 23.50 28.09 22.23
N TYR C 244 23.31 27.46 23.39
CA TYR C 244 23.84 27.99 24.64
C TYR C 244 25.37 27.84 24.68
N TYR C 245 25.88 26.62 24.47
CA TYR C 245 27.29 26.34 24.67
C TYR C 245 28.15 26.98 23.58
N TYR C 246 27.53 27.35 22.45
CA TYR C 246 28.26 27.93 21.33
C TYR C 246 27.69 29.30 20.94
N LYS C 247 27.05 29.97 21.91
CA LYS C 247 26.35 31.24 21.74
C LYS C 247 27.18 32.22 20.92
N ASP C 248 28.47 32.33 21.23
CA ASP C 248 29.35 33.31 20.62
C ASP C 248 29.55 33.01 19.13
N ILE C 249 29.68 31.72 18.79
CA ILE C 249 29.87 31.34 17.40
C ILE C 249 28.56 31.47 16.64
N LEU C 250 27.44 31.23 17.34
CA LEU C 250 26.14 31.38 16.71
C LEU C 250 25.91 32.84 16.35
N GLU C 251 26.21 33.75 17.30
CA GLU C 251 26.08 35.19 17.07
C GLU C 251 26.96 35.63 15.90
N GLU C 252 28.12 34.97 15.77
CA GLU C 252 29.09 35.27 14.74
C GLU C 252 28.57 34.78 13.39
N ALA C 253 27.88 33.63 13.42
CA ALA C 253 27.30 33.01 12.24
C ALA C 253 26.09 33.81 11.75
N ALA C 254 25.30 34.35 12.70
CA ALA C 254 24.19 35.20 12.34
C ALA C 254 24.69 36.50 11.70
N ALA C 255 25.68 37.15 12.32
CA ALA C 255 26.24 38.39 11.78
C ALA C 255 26.70 38.17 10.34
N ALA C 256 27.41 37.06 10.10
CA ALA C 256 27.95 36.70 8.79
C ALA C 256 26.85 36.44 7.75
N THR C 257 25.66 35.99 8.19
CA THR C 257 24.61 35.58 7.29
C THR C 257 23.48 36.63 7.22
N GLY C 258 23.60 37.71 8.00
CA GLY C 258 22.60 38.76 8.05
C GLY C 258 21.31 38.35 8.78
N ILE C 259 21.42 37.47 9.79
CA ILE C 259 20.28 37.14 10.64
C ILE C 259 20.37 37.97 11.91
N ARG C 260 19.26 38.55 12.36
CA ARG C 260 19.30 39.19 13.67
C ARG C 260 18.72 38.24 14.73
N THR C 261 19.51 38.02 15.78
CA THR C 261 19.22 37.06 16.82
C THR C 261 18.36 37.70 17.90
N GLY C 262 17.45 36.92 18.49
CA GLY C 262 16.72 37.36 19.67
C GLY C 262 17.31 36.72 20.93
N THR C 263 16.47 35.93 21.61
CA THR C 263 16.85 35.12 22.75
C THR C 263 17.77 34.00 22.28
N ILE C 264 18.84 33.77 23.05
CA ILE C 264 19.64 32.56 23.00
C ILE C 264 19.66 31.98 24.41
N VAL C 265 18.97 30.85 24.62
CA VAL C 265 18.70 30.35 25.96
C VAL C 265 18.88 28.83 25.97
N ARG C 266 19.16 28.27 27.15
CA ARG C 266 19.53 26.86 27.29
C ARG C 266 18.33 25.95 27.07
N ASN C 267 17.17 26.29 27.66
CA ASN C 267 15.99 25.45 27.52
C ASN C 267 14.73 26.33 27.63
N PRO C 268 13.54 25.81 27.22
CA PRO C 268 12.33 26.64 27.17
C PRO C 268 11.60 26.83 28.50
N MET C 269 12.04 26.10 29.53
CA MET C 269 11.32 26.04 30.80
C MET C 269 11.19 27.41 31.47
N GLU C 270 12.28 28.21 31.47
CA GLU C 270 12.25 29.52 32.08
C GLU C 270 11.22 30.40 31.35
N GLY C 271 11.27 30.40 30.01
CA GLY C 271 10.32 31.12 29.17
C GLY C 271 8.88 30.64 29.32
N LEU C 272 8.70 29.32 29.46
CA LEU C 272 7.37 28.73 29.63
C LEU C 272 6.76 29.18 30.94
N ARG C 273 7.56 29.23 32.02
CA ARG C 273 7.13 29.72 33.32
C ARG C 273 6.70 31.19 33.23
N THR C 274 7.44 32.00 32.45
CA THR C 274 7.14 33.41 32.30
C THR C 274 5.83 33.57 31.52
N TYR C 275 5.73 32.84 30.41
CA TYR C 275 4.55 32.76 29.57
C TYR C 275 3.29 32.51 30.41
N TYR C 276 3.27 31.39 31.16
CA TYR C 276 2.07 30.99 31.88
C TYR C 276 1.84 31.84 33.14
N SER C 277 2.85 32.60 33.56
CA SER C 277 2.65 33.43 34.74
C SER C 277 2.19 34.84 34.35
N THR C 278 2.50 35.26 33.12
CA THR C 278 2.23 36.63 32.69
C THR C 278 1.21 36.65 31.55
N VAL C 279 1.71 36.73 30.30
CA VAL C 279 0.88 36.95 29.12
C VAL C 279 -0.20 35.88 28.97
N ALA C 280 0.12 34.61 29.21
CA ALA C 280 -0.81 33.55 28.85
C ALA C 280 -1.46 32.93 30.09
N LYS C 281 -1.52 33.68 31.20
CA LYS C 281 -2.17 33.19 32.39
C LYS C 281 -3.69 33.30 32.23
N THR C 282 -4.40 32.20 32.46
CA THR C 282 -5.86 32.23 32.47
C THR C 282 -6.32 32.76 33.83
N VAL C 283 -7.19 33.78 33.79
CA VAL C 283 -7.56 34.56 34.97
C VAL C 283 -8.92 34.09 35.49
N MET D 1 43.22 -24.04 -15.24
CA MET D 1 42.11 -23.05 -15.30
C MET D 1 42.14 -22.16 -14.06
N ILE D 2 41.84 -20.87 -14.27
CA ILE D 2 41.86 -19.84 -13.26
C ILE D 2 40.42 -19.37 -13.05
N LEU D 3 40.00 -19.24 -11.78
CA LEU D 3 38.69 -18.67 -11.49
C LEU D 3 38.89 -17.31 -10.81
N ILE D 4 38.23 -16.28 -11.38
CA ILE D 4 38.33 -14.92 -10.89
C ILE D 4 36.93 -14.49 -10.44
N ALA D 5 36.85 -13.87 -9.27
CA ALA D 5 35.58 -13.42 -8.73
C ALA D 5 35.71 -11.96 -8.30
N ASP D 6 34.72 -11.16 -8.70
CA ASP D 6 34.51 -9.84 -8.14
C ASP D 6 33.16 -9.85 -7.45
N SER D 7 33.19 -9.71 -6.11
CA SER D 7 32.01 -9.85 -5.29
C SER D 7 31.66 -8.52 -4.63
N GLY D 8 30.39 -8.14 -4.78
CA GLY D 8 29.77 -7.10 -3.99
C GLY D 8 28.74 -7.72 -3.04
N SER D 9 27.73 -6.93 -2.65
CA SER D 9 26.72 -7.44 -1.75
C SER D 9 25.43 -7.76 -2.51
N THR D 10 25.36 -7.34 -3.78
CA THR D 10 24.19 -7.63 -4.60
C THR D 10 24.48 -8.81 -5.52
N LYS D 11 25.70 -8.88 -6.06
CA LYS D 11 26.07 -9.93 -6.99
C LYS D 11 27.55 -10.26 -6.86
N THR D 12 27.90 -11.47 -7.30
CA THR D 12 29.29 -11.86 -7.53
C THR D 12 29.47 -12.19 -9.00
N HIS D 13 30.54 -11.64 -9.59
CA HIS D 13 30.87 -11.83 -11.00
C HIS D 13 32.07 -12.76 -11.11
N TRP D 14 31.88 -13.92 -11.75
CA TRP D 14 32.94 -14.91 -11.93
C TRP D 14 33.35 -14.95 -13.40
N ASN D 15 34.65 -15.13 -13.63
CA ASN D 15 35.19 -15.44 -14.95
C ASN D 15 36.05 -16.71 -14.87
N VAL D 16 35.88 -17.60 -15.85
CA VAL D 16 36.79 -18.71 -16.02
C VAL D 16 37.80 -18.38 -17.10
N LEU D 17 39.09 -18.36 -16.75
CA LEU D 17 40.18 -18.21 -17.70
C LEU D 17 40.85 -19.55 -17.93
N ASP D 18 41.22 -19.83 -19.18
CA ASP D 18 41.83 -21.10 -19.50
C ASP D 18 42.77 -20.93 -20.68
N GLN D 19 44.06 -21.21 -20.44
CA GLN D 19 45.10 -21.01 -21.43
C GLN D 19 44.97 -19.59 -21.98
N GLY D 20 44.58 -18.64 -21.12
CA GLY D 20 44.61 -17.23 -21.43
C GLY D 20 43.30 -16.69 -22.01
N ARG D 21 42.34 -17.58 -22.29
CA ARG D 21 41.08 -17.20 -22.90
C ARG D 21 39.97 -17.26 -21.86
N VAL D 22 39.00 -16.33 -21.94
CA VAL D 22 37.83 -16.43 -21.10
C VAL D 22 36.93 -17.53 -21.69
N ILE D 23 36.56 -18.51 -20.87
CA ILE D 23 35.79 -19.64 -21.35
C ILE D 23 34.54 -19.81 -20.49
N GLY D 24 34.27 -18.83 -19.62
CA GLY D 24 33.13 -18.92 -18.72
C GLY D 24 32.85 -17.59 -18.03
N GLU D 25 31.56 -17.33 -17.80
CA GLU D 25 31.13 -16.13 -17.11
C GLU D 25 29.86 -16.50 -16.35
N ILE D 26 29.95 -16.44 -15.02
CA ILE D 26 28.80 -16.79 -14.20
C ILE D 26 28.56 -15.67 -13.18
N PHE D 27 27.27 -15.39 -12.94
CA PHE D 27 26.86 -14.50 -11.88
C PHE D 27 26.12 -15.30 -10.81
N THR D 28 26.44 -15.00 -9.56
CA THR D 28 25.75 -15.53 -8.39
C THR D 28 25.30 -14.35 -7.54
N LYS D 29 24.65 -14.64 -6.41
CA LYS D 29 24.27 -13.61 -5.45
C LYS D 29 25.53 -13.02 -4.82
N GLY D 30 25.38 -11.84 -4.19
CA GLY D 30 26.44 -11.20 -3.45
C GLY D 30 27.06 -12.13 -2.41
N MET D 31 28.37 -11.98 -2.18
CA MET D 31 29.08 -12.81 -1.23
C MET D 31 30.02 -11.92 -0.40
N ASN D 32 29.40 -11.09 0.44
CA ASN D 32 30.09 -10.40 1.52
C ASN D 32 29.92 -11.23 2.78
N PRO D 33 31.01 -11.63 3.46
CA PRO D 33 30.89 -12.46 4.67
C PRO D 33 30.30 -11.78 5.90
N PHE D 34 29.90 -10.50 5.75
CA PHE D 34 29.19 -9.79 6.81
C PHE D 34 27.68 -9.99 6.66
N PHE D 35 27.24 -10.34 5.45
CA PHE D 35 25.82 -10.46 5.14
C PHE D 35 25.50 -11.87 4.64
N GLN D 36 26.55 -12.68 4.46
CA GLN D 36 26.45 -14.10 4.17
C GLN D 36 27.07 -14.90 5.32
N THR D 37 26.45 -16.03 5.65
CA THR D 37 27.09 -17.01 6.52
C THR D 37 27.98 -17.90 5.65
N PRO D 38 28.99 -18.59 6.22
CA PRO D 38 29.76 -19.59 5.47
C PRO D 38 28.90 -20.62 4.73
N GLU D 39 27.79 -21.04 5.36
CA GLU D 39 26.92 -22.08 4.82
C GLU D 39 26.17 -21.55 3.60
N GLU D 40 25.70 -20.30 3.70
CA GLU D 40 24.93 -19.66 2.64
C GLU D 40 25.80 -19.52 1.39
N MET D 41 27.08 -19.18 1.60
CA MET D 41 28.00 -18.94 0.49
C MET D 41 28.19 -20.22 -0.30
N GLY D 42 28.43 -21.32 0.43
CA GLY D 42 28.68 -22.63 -0.18
C GLY D 42 27.44 -23.17 -0.90
N ARG D 43 26.27 -22.88 -0.32
CA ARG D 43 24.98 -23.27 -0.86
C ARG D 43 24.76 -22.59 -2.22
N GLU D 44 25.16 -21.31 -2.32
CA GLU D 44 25.06 -20.55 -3.56
C GLU D 44 26.04 -21.10 -4.60
N ILE D 45 27.29 -21.35 -4.20
CA ILE D 45 28.31 -21.88 -5.10
C ILE D 45 27.86 -23.23 -5.64
N GLU D 46 27.30 -24.09 -4.76
CA GLU D 46 26.85 -25.42 -5.10
C GLU D 46 25.62 -25.40 -6.00
N ARG D 47 24.74 -24.41 -5.81
CA ARG D 47 23.46 -24.35 -6.52
C ARG D 47 23.59 -23.60 -7.84
N THR D 48 24.42 -22.55 -7.86
CA THR D 48 24.43 -21.62 -8.98
C THR D 48 25.69 -21.79 -9.82
N LEU D 49 26.86 -21.72 -9.17
CA LEU D 49 28.13 -21.68 -9.88
C LEU D 49 28.49 -23.06 -10.43
N LEU D 50 28.43 -24.08 -9.57
CA LEU D 50 29.10 -25.35 -9.83
C LEU D 50 28.45 -26.11 -11.00
N PRO D 51 27.10 -26.14 -11.12
CA PRO D 51 26.45 -26.73 -12.31
C PRO D 51 26.79 -26.05 -13.64
N GLN D 52 27.42 -24.88 -13.57
CA GLN D 52 27.71 -24.11 -14.78
C GLN D 52 29.13 -24.38 -15.26
N LEU D 53 29.91 -25.09 -14.44
CA LEU D 53 31.28 -25.43 -14.81
C LEU D 53 31.31 -26.88 -15.29
N ASN D 54 32.21 -27.17 -16.25
CA ASN D 54 32.48 -28.53 -16.67
C ASN D 54 33.04 -29.33 -15.48
N SER D 55 33.74 -28.61 -14.58
CA SER D 55 34.45 -29.21 -13.46
C SER D 55 34.64 -28.17 -12.36
N ASN D 56 34.84 -28.67 -11.13
CA ASN D 56 35.07 -27.80 -9.97
C ASN D 56 36.58 -27.60 -9.78
N ARG D 57 37.38 -28.07 -10.76
CA ARG D 57 38.83 -28.09 -10.69
C ARG D 57 39.43 -26.82 -11.29
N PHE D 58 40.23 -26.15 -10.48
CA PHE D 58 40.97 -24.95 -10.86
C PHE D 58 42.40 -25.07 -10.35
N CYS D 59 43.32 -24.45 -11.08
CA CYS D 59 44.68 -24.25 -10.60
C CYS D 59 44.68 -23.17 -9.54
N GLU D 60 44.05 -22.03 -9.85
CA GLU D 60 44.07 -20.87 -8.98
C GLU D 60 42.66 -20.32 -8.85
N VAL D 61 42.31 -19.90 -7.63
CA VAL D 61 41.15 -19.06 -7.42
C VAL D 61 41.64 -17.70 -6.92
N HIS D 62 41.05 -16.63 -7.45
CA HIS D 62 41.37 -15.27 -7.05
C HIS D 62 40.05 -14.59 -6.74
N PHE D 63 39.74 -14.44 -5.46
CA PHE D 63 38.46 -13.94 -5.02
C PHE D 63 38.63 -12.57 -4.36
N PHE D 64 38.00 -11.55 -4.96
CA PHE D 64 38.05 -10.20 -4.44
C PHE D 64 36.64 -9.76 -4.09
N GLY D 65 36.49 -9.11 -2.93
CA GLY D 65 35.17 -8.72 -2.49
C GLY D 65 35.21 -7.74 -1.32
N ALA D 66 34.19 -6.89 -1.26
CA ALA D 66 33.94 -6.07 -0.09
C ALA D 66 33.65 -7.00 1.08
N GLY D 67 34.17 -6.62 2.24
CA GLY D 67 34.00 -7.38 3.47
C GLY D 67 35.06 -8.45 3.66
N CYS D 68 36.01 -8.54 2.71
CA CYS D 68 37.04 -9.56 2.75
C CYS D 68 38.31 -9.04 3.42
N ILE D 69 38.15 -8.56 4.67
CA ILE D 69 39.23 -8.03 5.50
C ILE D 69 40.00 -9.21 6.09
N PRO D 70 41.27 -9.02 6.53
CA PRO D 70 42.05 -10.11 7.12
C PRO D 70 41.23 -11.10 7.95
N GLU D 71 40.40 -10.57 8.86
CA GLU D 71 39.59 -11.31 9.82
C GLU D 71 38.70 -12.35 9.14
N LYS D 72 38.14 -11.99 7.97
CA LYS D 72 37.17 -12.82 7.28
C LYS D 72 37.86 -13.69 6.22
N VAL D 73 39.08 -13.32 5.84
CA VAL D 73 39.81 -13.99 4.76
C VAL D 73 39.84 -15.51 4.97
N PRO D 74 40.20 -16.05 6.17
CA PRO D 74 40.21 -17.49 6.38
C PRO D 74 38.84 -18.14 6.19
N VAL D 75 37.79 -17.44 6.61
CA VAL D 75 36.43 -17.93 6.56
C VAL D 75 36.01 -18.12 5.09
N VAL D 76 36.33 -17.13 4.24
CA VAL D 76 35.97 -17.18 2.84
C VAL D 76 36.81 -18.23 2.13
N ARG D 77 38.12 -18.24 2.43
CA ARG D 77 39.04 -19.19 1.83
C ARG D 77 38.54 -20.61 2.11
N ASN D 78 38.01 -20.82 3.32
CA ASN D 78 37.57 -22.15 3.71
C ASN D 78 36.37 -22.58 2.89
N VAL D 79 35.42 -21.66 2.70
CA VAL D 79 34.26 -21.93 1.85
C VAL D 79 34.72 -22.37 0.46
N LEU D 80 35.58 -21.57 -0.18
CA LEU D 80 36.07 -21.85 -1.53
C LEU D 80 36.78 -23.21 -1.56
N LYS D 81 37.61 -23.45 -0.53
CA LYS D 81 38.36 -24.67 -0.34
C LYS D 81 37.40 -25.86 -0.29
N GLY D 82 36.24 -25.68 0.37
CA GLY D 82 35.29 -26.76 0.59
C GLY D 82 34.51 -27.14 -0.66
N CYS D 83 34.21 -26.15 -1.52
CA CYS D 83 33.34 -26.33 -2.67
C CYS D 83 34.14 -26.70 -3.92
N LEU D 84 35.34 -26.13 -4.05
CA LEU D 84 36.10 -26.27 -5.27
C LEU D 84 37.30 -27.17 -5.02
N ASP D 85 37.78 -27.81 -6.09
CA ASP D 85 38.98 -28.63 -6.09
C ASP D 85 40.14 -27.82 -6.69
N VAL D 86 40.70 -26.91 -5.87
CA VAL D 86 41.78 -26.00 -6.26
C VAL D 86 43.12 -26.65 -5.95
N SER D 87 43.98 -26.74 -6.97
CA SER D 87 45.22 -27.50 -6.84
C SER D 87 46.37 -26.63 -6.33
N SER D 88 46.26 -25.30 -6.44
CA SER D 88 47.43 -24.46 -6.18
C SER D 88 47.15 -23.33 -5.18
N LEU D 89 46.27 -22.39 -5.57
CA LEU D 89 46.20 -21.10 -4.91
C LEU D 89 44.74 -20.68 -4.74
N ILE D 90 44.41 -20.19 -3.54
CA ILE D 90 43.13 -19.57 -3.25
C ILE D 90 43.42 -18.20 -2.66
N GLU D 91 43.45 -17.17 -3.51
CA GLU D 91 43.68 -15.82 -3.03
C GLU D 91 42.33 -15.21 -2.66
N VAL D 92 42.25 -14.57 -1.50
CA VAL D 92 41.02 -13.91 -1.05
C VAL D 92 41.42 -12.52 -0.55
N ASP D 93 40.90 -11.48 -1.20
CA ASP D 93 41.29 -10.12 -0.83
C ASP D 93 40.15 -9.15 -1.10
N THR D 94 40.43 -7.85 -0.97
CA THR D 94 39.37 -6.85 -0.99
C THR D 94 39.05 -6.44 -2.43
N ASP D 95 37.88 -5.82 -2.59
CA ASP D 95 37.51 -5.12 -3.82
C ASP D 95 38.56 -4.08 -4.19
N MET D 96 39.21 -3.48 -3.17
CA MET D 96 40.20 -2.44 -3.41
C MET D 96 41.43 -3.00 -4.13
N LEU D 97 41.90 -4.17 -3.68
CA LEU D 97 43.04 -4.79 -4.34
C LEU D 97 42.67 -5.17 -5.77
N ALA D 98 41.43 -5.67 -5.96
CA ALA D 98 40.90 -5.97 -7.29
C ALA D 98 41.01 -4.74 -8.19
N ALA D 99 40.59 -3.58 -7.67
CA ALA D 99 40.55 -2.33 -8.42
C ALA D 99 41.96 -1.90 -8.83
N ALA D 100 42.94 -2.10 -7.93
CA ALA D 100 44.31 -1.67 -8.15
C ALA D 100 45.01 -2.52 -9.20
N LYS D 101 44.85 -3.85 -9.10
CA LYS D 101 45.33 -4.79 -10.11
C LYS D 101 44.69 -4.47 -11.46
N ALA D 102 43.38 -4.17 -11.44
CA ALA D 102 42.61 -3.92 -12.65
C ALA D 102 43.07 -2.65 -13.35
N SER D 103 43.51 -1.64 -12.57
CA SER D 103 43.72 -0.30 -13.11
C SER D 103 45.20 -0.02 -13.32
N CYS D 104 46.06 -0.68 -12.55
CA CYS D 104 47.47 -0.32 -12.45
C CYS D 104 48.36 -1.48 -12.85
N GLY D 105 47.81 -2.70 -12.84
CA GLY D 105 48.59 -3.89 -13.12
C GLY D 105 49.77 -4.03 -12.18
N ARG D 106 50.98 -3.83 -12.71
CA ARG D 106 52.22 -3.99 -11.96
C ARG D 106 52.85 -2.63 -11.65
N SER D 107 52.14 -1.55 -11.98
CA SER D 107 52.65 -0.21 -11.78
C SER D 107 52.03 0.40 -10.52
N PRO D 108 52.72 1.37 -9.86
CA PRO D 108 52.08 2.17 -8.81
C PRO D 108 51.04 3.17 -9.35
N GLY D 109 50.09 3.52 -8.48
CA GLY D 109 49.08 4.51 -8.76
C GLY D 109 48.13 4.67 -7.57
N ILE D 110 47.44 5.81 -7.51
CA ILE D 110 46.35 5.99 -6.57
C ILE D 110 45.12 5.33 -7.19
N VAL D 111 44.35 4.63 -6.35
CA VAL D 111 43.27 3.78 -6.82
C VAL D 111 42.04 4.04 -5.96
N CYS D 112 40.91 4.35 -6.62
CA CYS D 112 39.70 4.73 -5.92
C CYS D 112 38.53 3.86 -6.37
N ILE D 113 37.67 3.51 -5.43
CA ILE D 113 36.38 2.94 -5.76
C ILE D 113 35.30 4.00 -5.52
N MET D 114 34.39 4.12 -6.48
CA MET D 114 33.22 4.95 -6.34
C MET D 114 32.01 4.15 -6.80
N GLY D 115 31.35 3.49 -5.83
CA GLY D 115 30.11 2.77 -6.03
C GLY D 115 29.07 3.23 -5.01
N THR D 116 28.42 2.27 -4.35
CA THR D 116 27.56 2.53 -3.19
C THR D 116 28.39 3.18 -2.09
N GLY D 117 29.55 2.58 -1.79
CA GLY D 117 30.58 3.20 -0.99
C GLY D 117 31.65 3.80 -1.88
N SER D 118 32.57 4.56 -1.27
CA SER D 118 33.79 4.96 -1.95
C SER D 118 34.97 4.52 -1.07
N ASN D 119 36.18 4.53 -1.66
CA ASN D 119 37.39 4.09 -0.99
C ASN D 119 38.57 4.56 -1.83
N SER D 120 39.72 4.77 -1.18
CA SER D 120 40.93 5.21 -1.86
C SER D 120 42.16 4.62 -1.17
N CYS D 121 43.17 4.31 -1.99
CA CYS D 121 44.42 3.77 -1.50
C CYS D 121 45.56 4.18 -2.43
N PHE D 122 46.79 3.93 -1.98
CA PHE D 122 47.93 3.95 -2.86
C PHE D 122 48.40 2.51 -3.04
N TYR D 123 48.64 2.15 -4.30
CA TYR D 123 49.06 0.82 -4.70
C TYR D 123 50.48 0.94 -5.26
N ASP D 124 51.41 0.18 -4.67
CA ASP D 124 52.83 0.31 -4.98
C ASP D 124 53.24 -0.56 -6.17
N GLY D 125 52.24 -1.22 -6.80
CA GLY D 125 52.51 -2.11 -7.93
C GLY D 125 52.56 -3.58 -7.49
N GLU D 126 52.61 -3.82 -6.17
CA GLU D 126 52.57 -5.16 -5.63
C GLU D 126 51.38 -5.29 -4.66
N LYS D 127 51.14 -4.25 -3.87
CA LYS D 127 50.21 -4.29 -2.75
C LYS D 127 49.68 -2.89 -2.46
N ILE D 128 48.58 -2.82 -1.69
CA ILE D 128 48.08 -1.57 -1.13
C ILE D 128 49.00 -1.15 0.01
N ALA D 129 49.71 -0.03 -0.18
CA ALA D 129 50.76 0.39 0.73
C ALA D 129 50.23 1.43 1.70
N ALA D 130 49.15 2.13 1.32
CA ALA D 130 48.49 3.11 2.16
C ALA D 130 47.02 3.19 1.77
N ASN D 131 46.16 3.56 2.72
CA ASN D 131 44.76 3.72 2.42
C ASN D 131 44.14 4.78 3.33
N VAL D 132 42.96 5.29 2.92
CA VAL D 132 42.13 6.15 3.74
C VAL D 132 40.82 5.41 4.01
N SER D 133 40.65 4.99 5.27
CA SER D 133 39.40 4.37 5.71
C SER D 133 38.23 5.27 5.37
N PRO D 134 37.23 4.76 4.60
CA PRO D 134 36.17 5.61 4.06
C PRO D 134 35.17 6.17 5.07
N LEU D 135 34.85 5.37 6.10
CA LEU D 135 34.10 5.74 7.30
C LEU D 135 32.59 5.53 7.16
N GLY D 136 32.11 5.14 5.96
CA GLY D 136 30.70 4.81 5.75
C GLY D 136 29.88 6.02 5.33
N PHE D 137 28.56 5.83 5.12
CA PHE D 137 27.75 6.80 4.40
C PHE D 137 27.34 7.98 5.29
N ILE D 138 27.47 7.80 6.61
CA ILE D 138 27.18 8.83 7.59
C ILE D 138 28.40 9.74 7.77
N LEU D 139 29.58 9.17 8.07
CA LEU D 139 30.75 9.93 8.46
C LEU D 139 31.64 10.27 7.26
N GLY D 140 31.52 9.50 6.18
CA GLY D 140 32.53 9.55 5.13
C GLY D 140 31.94 9.19 3.76
N ASP D 141 32.58 8.23 3.10
CA ASP D 141 32.18 7.76 1.78
C ASP D 141 31.85 8.92 0.83
N GLU D 142 32.66 9.98 0.86
CA GLU D 142 32.47 11.11 -0.04
C GLU D 142 32.37 10.58 -1.48
N GLY D 143 31.51 11.21 -2.29
CA GLY D 143 31.39 10.88 -3.70
C GLY D 143 30.69 9.54 -3.96
N SER D 144 30.34 8.79 -2.90
CA SER D 144 29.71 7.48 -3.11
C SER D 144 28.25 7.62 -3.54
N GLY D 145 27.71 6.54 -4.12
CA GLY D 145 26.30 6.46 -4.44
C GLY D 145 25.41 6.84 -3.25
N ALA D 146 25.73 6.30 -2.07
CA ALA D 146 24.88 6.50 -0.89
C ALA D 146 24.91 7.97 -0.44
N VAL D 147 26.10 8.59 -0.51
CA VAL D 147 26.30 9.96 -0.06
C VAL D 147 25.66 10.95 -1.02
N LEU D 148 25.78 10.69 -2.32
CA LEU D 148 25.09 11.47 -3.34
C LEU D 148 23.58 11.47 -3.05
N GLY D 149 23.03 10.27 -2.79
CA GLY D 149 21.64 10.12 -2.37
C GLY D 149 21.29 11.00 -1.16
N LYS D 150 22.13 10.91 -0.13
CA LYS D 150 21.99 11.62 1.13
C LYS D 150 22.02 13.12 0.90
N LEU D 151 22.97 13.60 0.08
CA LEU D 151 23.10 15.00 -0.24
C LEU D 151 21.86 15.48 -1.00
N LEU D 152 21.42 14.68 -1.98
CA LEU D 152 20.28 15.05 -2.81
C LEU D 152 19.02 15.20 -1.97
N ILE D 153 18.65 14.16 -1.20
CA ILE D 153 17.45 14.23 -0.37
C ILE D 153 17.47 15.47 0.54
N GLY D 154 18.61 15.70 1.21
CA GLY D 154 18.74 16.86 2.07
C GLY D 154 18.42 18.15 1.31
N ASP D 155 19.05 18.32 0.15
CA ASP D 155 18.86 19.51 -0.65
C ASP D 155 17.42 19.63 -1.15
N LEU D 156 16.81 18.49 -1.50
CA LEU D 156 15.48 18.53 -2.09
C LEU D 156 14.44 18.93 -1.04
N LEU D 157 14.47 18.26 0.12
CA LEU D 157 13.43 18.49 1.11
C LEU D 157 13.66 19.80 1.86
N LYS D 158 14.86 20.37 1.80
CA LYS D 158 15.11 21.66 2.42
C LYS D 158 15.02 22.79 1.40
N ASN D 159 14.38 22.49 0.26
CA ASN D 159 13.99 23.48 -0.74
C ASN D 159 15.21 24.25 -1.21
N GLN D 160 16.30 23.52 -1.44
CA GLN D 160 17.55 24.12 -1.86
C GLN D 160 17.69 24.03 -3.38
N MET D 161 16.76 23.32 -4.03
CA MET D 161 16.84 23.08 -5.46
C MET D 161 15.56 23.51 -6.18
N GLY D 162 14.60 24.10 -5.43
CA GLY D 162 13.35 24.55 -6.01
C GLY D 162 12.23 23.53 -5.86
N GLU D 163 11.04 23.87 -6.39
CA GLU D 163 9.89 23.01 -6.22
C GLU D 163 9.83 21.96 -7.32
N GLU D 164 10.24 22.34 -8.53
CA GLU D 164 10.20 21.43 -9.66
C GLU D 164 10.90 20.12 -9.29
N LEU D 165 12.20 20.19 -8.97
CA LEU D 165 13.00 19.00 -8.72
C LEU D 165 12.50 18.21 -7.51
N LYS D 166 12.14 18.90 -6.41
CA LYS D 166 11.66 18.21 -5.22
C LYS D 166 10.41 17.39 -5.55
N GLU D 167 9.42 18.02 -6.21
CA GLU D 167 8.14 17.37 -6.49
C GLU D 167 8.33 16.23 -7.49
N LYS D 168 9.26 16.43 -8.44
CA LYS D 168 9.54 15.44 -9.47
C LYS D 168 10.11 14.18 -8.82
N PHE D 169 11.08 14.35 -7.92
CA PHE D 169 11.74 13.26 -7.21
C PHE D 169 10.73 12.44 -6.41
N LEU D 170 9.89 13.13 -5.63
CA LEU D 170 8.92 12.45 -4.77
C LEU D 170 7.91 11.69 -5.61
N ARG D 171 7.45 12.31 -6.70
CA ARG D 171 6.50 11.67 -7.61
C ARG D 171 7.16 10.47 -8.28
N GLN D 172 8.38 10.66 -8.79
CA GLN D 172 9.07 9.64 -9.56
C GLN D 172 9.32 8.37 -8.74
N TYR D 173 9.73 8.51 -7.47
CA TYR D 173 10.07 7.35 -6.65
C TYR D 173 8.92 6.97 -5.70
N GLU D 174 7.79 7.68 -5.82
CA GLU D 174 6.60 7.43 -5.01
C GLU D 174 6.95 7.51 -3.53
N LEU D 175 7.60 8.62 -3.15
CA LEU D 175 8.11 8.79 -1.80
C LEU D 175 7.44 10.00 -1.14
N THR D 176 7.16 9.86 0.16
CA THR D 176 6.87 11.00 1.01
C THR D 176 8.09 11.28 1.87
N PRO D 177 8.28 12.50 2.41
CA PRO D 177 9.28 12.74 3.46
C PRO D 177 9.25 11.69 4.57
N ALA D 178 8.06 11.23 4.98
CA ALA D 178 7.89 10.28 6.06
C ALA D 178 8.47 8.91 5.70
N ASN D 179 8.22 8.44 4.46
CA ASN D 179 8.78 7.21 3.94
C ASN D 179 10.31 7.28 3.95
N ILE D 180 10.84 8.42 3.51
CA ILE D 180 12.28 8.61 3.40
C ILE D 180 12.93 8.49 4.77
N ILE D 181 12.38 9.21 5.76
CA ILE D 181 12.84 9.16 7.14
C ILE D 181 12.86 7.71 7.64
N GLU D 182 11.78 6.97 7.37
CA GLU D 182 11.65 5.59 7.80
C GLU D 182 12.76 4.74 7.16
N ARG D 183 12.96 4.90 5.85
CA ARG D 183 13.96 4.12 5.13
C ARG D 183 15.38 4.43 5.62
N VAL D 184 15.64 5.72 5.87
CA VAL D 184 17.01 6.14 6.16
C VAL D 184 17.37 5.81 7.60
N TYR D 185 16.39 5.87 8.52
CA TYR D 185 16.68 5.80 9.95
C TYR D 185 16.27 4.46 10.56
N ARG D 186 15.21 3.82 10.05
CA ARG D 186 14.62 2.73 10.82
C ARG D 186 14.55 1.42 10.03
N GLN D 187 15.10 1.40 8.81
CA GLN D 187 15.03 0.22 7.97
C GLN D 187 16.44 -0.23 7.60
N PRO D 188 16.65 -1.55 7.35
CA PRO D 188 17.96 -2.07 6.96
C PRO D 188 18.48 -1.47 5.65
N PHE D 189 19.81 -1.41 5.53
CA PHE D 189 20.51 -1.06 4.29
C PHE D 189 20.16 0.35 3.84
N PRO D 190 20.20 1.36 4.74
CA PRO D 190 19.83 2.73 4.38
C PRO D 190 20.71 3.24 3.23
N ASN D 191 21.96 2.75 3.19
CA ASN D 191 22.98 3.16 2.22
C ASN D 191 22.61 2.69 0.81
N ARG D 192 21.93 1.53 0.72
CA ARG D 192 21.52 0.98 -0.56
C ARG D 192 20.28 1.71 -1.07
N PHE D 193 19.37 2.06 -0.16
CA PHE D 193 18.24 2.91 -0.52
C PHE D 193 18.77 4.22 -1.11
N LEU D 194 19.67 4.88 -0.39
CA LEU D 194 20.21 6.18 -0.80
C LEU D 194 20.90 6.09 -2.16
N ALA D 195 21.72 5.05 -2.36
CA ALA D 195 22.37 4.83 -3.65
C ALA D 195 21.34 4.59 -4.75
N GLY D 196 20.21 3.95 -4.38
CA GLY D 196 19.20 3.53 -5.33
C GLY D 196 18.38 4.69 -5.88
N ILE D 197 18.41 5.85 -5.20
CA ILE D 197 17.69 7.01 -5.68
C ILE D 197 18.67 8.04 -6.23
N SER D 198 19.97 7.74 -6.16
CA SER D 198 21.00 8.64 -6.63
C SER D 198 21.02 8.74 -8.15
N PRO D 199 20.51 7.74 -8.93
CA PRO D 199 20.41 7.88 -10.38
C PRO D 199 19.60 9.09 -10.88
N PHE D 200 18.74 9.62 -10.01
CA PHE D 200 18.00 10.85 -10.29
C PHE D 200 18.98 11.96 -10.71
N LEU D 201 20.21 11.88 -10.20
CA LEU D 201 21.25 12.87 -10.45
C LEU D 201 21.73 12.78 -11.89
N ALA D 202 22.06 11.56 -12.35
CA ALA D 202 22.47 11.33 -13.73
C ALA D 202 21.37 11.75 -14.73
N GLU D 203 20.11 11.50 -14.37
CA GLU D 203 18.95 11.78 -15.23
C GLU D 203 18.73 13.28 -15.34
N ASN D 204 19.29 14.05 -14.40
CA ASN D 204 19.00 15.46 -14.26
C ASN D 204 20.28 16.28 -14.27
N ILE D 205 21.33 15.71 -14.87
CA ILE D 205 22.68 16.22 -14.65
C ILE D 205 22.88 17.59 -15.30
N GLU D 206 22.00 17.94 -16.25
CA GLU D 206 22.16 19.19 -16.98
C GLU D 206 21.58 20.36 -16.20
N HIS D 207 20.84 20.07 -15.11
CA HIS D 207 20.34 21.14 -14.26
C HIS D 207 21.44 21.66 -13.35
N PRO D 208 21.65 23.00 -13.27
CA PRO D 208 22.75 23.58 -12.49
C PRO D 208 22.87 23.09 -11.05
N ALA D 209 21.75 23.03 -10.32
CA ALA D 209 21.77 22.59 -8.93
C ALA D 209 22.23 21.14 -8.82
N ILE D 210 21.85 20.30 -9.80
CA ILE D 210 22.20 18.88 -9.78
C ILE D 210 23.68 18.73 -10.13
N HIS D 211 24.11 19.42 -11.19
CA HIS D 211 25.49 19.36 -11.64
C HIS D 211 26.41 19.80 -10.51
N SER D 212 26.00 20.89 -9.83
CA SER D 212 26.71 21.49 -8.72
C SER D 212 26.82 20.51 -7.55
N LEU D 213 25.71 19.88 -7.15
CA LEU D 213 25.72 18.91 -6.07
C LEU D 213 26.81 17.86 -6.32
N VAL D 214 26.84 17.33 -7.55
CA VAL D 214 27.74 16.23 -7.90
C VAL D 214 29.18 16.74 -7.94
N LEU D 215 29.42 17.90 -8.57
CA LEU D 215 30.77 18.44 -8.67
C LEU D 215 31.37 18.60 -7.27
N ASN D 216 30.62 19.25 -6.37
CA ASN D 216 31.04 19.51 -5.01
C ASN D 216 31.27 18.21 -4.24
N ALA D 217 30.46 17.17 -4.52
CA ALA D 217 30.62 15.90 -3.85
C ALA D 217 31.94 15.26 -4.27
N PHE D 218 32.22 15.29 -5.57
CA PHE D 218 33.45 14.77 -6.13
C PHE D 218 34.65 15.55 -5.60
N LYS D 219 34.55 16.90 -5.56
CA LYS D 219 35.62 17.71 -5.03
C LYS D 219 35.91 17.32 -3.57
N SER D 220 34.85 17.06 -2.80
CA SER D 220 34.99 16.74 -1.40
C SER D 220 35.69 15.38 -1.25
N PHE D 221 35.33 14.42 -2.11
CA PHE D 221 36.00 13.13 -2.15
C PHE D 221 37.49 13.30 -2.45
N LEU D 222 37.82 14.06 -3.50
CA LEU D 222 39.20 14.18 -3.95
C LEU D 222 40.09 14.83 -2.89
N THR D 223 39.59 15.90 -2.23
CA THR D 223 40.39 16.66 -1.28
C THR D 223 40.54 15.89 0.04
N ARG D 224 39.51 15.15 0.43
CA ARG D 224 39.49 14.51 1.75
C ARG D 224 40.14 13.13 1.69
N ASN D 225 40.21 12.54 0.49
CA ASN D 225 40.72 11.19 0.33
C ASN D 225 41.97 11.18 -0.55
N VAL D 226 41.81 11.42 -1.86
CA VAL D 226 42.89 11.26 -2.82
C VAL D 226 44.09 12.14 -2.45
N MET D 227 43.84 13.37 -1.95
CA MET D 227 44.92 14.32 -1.72
C MET D 227 45.73 13.97 -0.47
N GLN D 228 45.37 12.88 0.22
CA GLN D 228 46.19 12.42 1.34
C GLN D 228 47.39 11.62 0.80
N PHE D 229 47.28 11.16 -0.46
CA PHE D 229 48.36 10.45 -1.12
C PHE D 229 49.16 11.42 -1.98
N ASP D 230 50.19 10.88 -2.64
CA ASP D 230 51.13 11.68 -3.42
C ASP D 230 50.54 11.95 -4.81
N TYR D 231 49.49 12.76 -4.85
CA TYR D 231 48.66 12.95 -6.02
C TYR D 231 49.38 13.76 -7.11
N THR D 232 50.40 14.54 -6.73
CA THR D 232 51.18 15.32 -7.70
C THR D 232 52.13 14.42 -8.47
N ARG D 233 52.43 13.23 -7.94
CA ARG D 233 53.35 12.31 -8.58
C ARG D 233 52.61 11.22 -9.36
N TYR D 234 51.50 10.72 -8.81
CA TYR D 234 50.84 9.54 -9.37
C TYR D 234 49.46 9.89 -9.96
N LYS D 235 49.11 9.20 -11.05
CA LYS D 235 47.74 9.23 -11.56
C LYS D 235 46.81 8.62 -10.51
N ALA D 236 45.56 9.11 -10.47
CA ALA D 236 44.50 8.48 -9.71
C ALA D 236 43.52 7.80 -10.67
N HIS D 237 43.24 6.52 -10.40
CA HIS D 237 42.36 5.67 -11.19
C HIS D 237 41.07 5.42 -10.41
N PHE D 238 39.96 5.28 -11.14
CA PHE D 238 38.63 5.19 -10.56
C PHE D 238 37.87 4.02 -11.17
N ILE D 239 37.22 3.23 -10.31
CA ILE D 239 36.45 2.07 -10.72
C ILE D 239 35.12 2.13 -9.97
N GLY D 240 34.01 1.86 -10.69
CA GLY D 240 32.70 1.73 -10.06
C GLY D 240 31.62 2.49 -10.82
N SER D 241 30.36 2.16 -10.48
CA SER D 241 29.19 2.70 -11.14
C SER D 241 29.22 4.22 -11.16
N VAL D 242 29.58 4.83 -10.03
CA VAL D 242 29.52 6.27 -9.85
C VAL D 242 30.59 6.96 -10.70
N ALA D 243 31.82 6.43 -10.66
CA ALA D 243 32.91 6.94 -11.47
C ALA D 243 32.50 6.93 -12.95
N TYR D 244 31.82 5.84 -13.34
CA TYR D 244 31.44 5.61 -14.72
C TYR D 244 30.34 6.58 -15.15
N TYR D 245 29.23 6.62 -14.39
CA TYR D 245 28.05 7.39 -14.74
C TYR D 245 28.26 8.89 -14.58
N TYR D 246 29.26 9.29 -13.79
CA TYR D 246 29.51 10.71 -13.59
C TYR D 246 30.90 11.09 -14.10
N LYS D 247 31.39 10.33 -15.09
CA LYS D 247 32.76 10.41 -15.58
C LYS D 247 33.18 11.85 -15.95
N ASP D 248 32.31 12.58 -16.66
CA ASP D 248 32.67 13.88 -17.17
C ASP D 248 32.80 14.87 -16.02
N ILE D 249 31.99 14.68 -14.98
CA ILE D 249 31.97 15.53 -13.81
C ILE D 249 33.12 15.17 -12.87
N LEU D 250 33.49 13.88 -12.85
CA LEU D 250 34.66 13.44 -12.10
C LEU D 250 35.92 14.05 -12.69
N GLU D 251 36.01 14.04 -14.03
CA GLU D 251 37.15 14.61 -14.75
C GLU D 251 37.23 16.10 -14.48
N GLU D 252 36.07 16.72 -14.29
CA GLU D 252 35.96 18.16 -14.05
C GLU D 252 36.42 18.49 -12.63
N ALA D 253 35.97 17.70 -11.65
CA ALA D 253 36.42 17.87 -10.26
C ALA D 253 37.93 17.72 -10.18
N ALA D 254 38.46 16.69 -10.86
CA ALA D 254 39.89 16.38 -10.86
C ALA D 254 40.71 17.54 -11.42
N ALA D 255 40.21 18.21 -12.47
CA ALA D 255 40.92 19.34 -13.07
C ALA D 255 40.85 20.57 -12.16
N ALA D 256 39.80 20.66 -11.34
CA ALA D 256 39.63 21.79 -10.43
C ALA D 256 40.55 21.62 -9.22
N THR D 257 40.88 20.37 -8.87
CA THR D 257 41.61 20.08 -7.64
C THR D 257 43.09 19.79 -7.90
N GLY D 258 43.47 19.55 -9.17
CA GLY D 258 44.87 19.34 -9.51
C GLY D 258 45.27 17.86 -9.49
N ILE D 259 44.28 16.98 -9.68
CA ILE D 259 44.47 15.54 -9.69
C ILE D 259 44.54 15.04 -11.13
N ARG D 260 45.61 14.30 -11.44
CA ARG D 260 45.83 13.69 -12.74
C ARG D 260 45.08 12.35 -12.76
N THR D 261 44.13 12.20 -13.70
CA THR D 261 43.30 11.01 -13.74
C THR D 261 43.94 9.93 -14.61
N GLY D 262 43.80 8.67 -14.16
CA GLY D 262 44.16 7.52 -14.95
C GLY D 262 42.95 6.91 -15.64
N THR D 263 42.76 5.59 -15.46
CA THR D 263 41.59 4.94 -16.02
C THR D 263 40.35 5.27 -15.18
N ILE D 264 39.21 5.43 -15.87
CA ILE D 264 37.89 5.50 -15.26
C ILE D 264 37.05 4.41 -15.94
N VAL D 265 36.70 3.35 -15.20
CA VAL D 265 35.97 2.22 -15.77
C VAL D 265 34.80 1.86 -14.85
N ARG D 266 33.79 1.19 -15.43
CA ARG D 266 32.59 0.75 -14.72
C ARG D 266 32.93 -0.23 -13.60
N ASN D 267 33.71 -1.28 -13.90
CA ASN D 267 33.99 -2.30 -12.90
C ASN D 267 35.36 -2.91 -13.18
N PRO D 268 35.95 -3.69 -12.23
CA PRO D 268 37.32 -4.19 -12.39
C PRO D 268 37.53 -5.45 -13.23
N MET D 269 36.44 -6.11 -13.66
CA MET D 269 36.60 -7.43 -14.26
C MET D 269 37.43 -7.34 -15.53
N GLU D 270 37.29 -6.22 -16.24
CA GLU D 270 37.99 -5.96 -17.49
C GLU D 270 39.50 -6.03 -17.27
N GLY D 271 40.02 -5.22 -16.34
CA GLY D 271 41.44 -5.13 -16.07
C GLY D 271 41.99 -6.35 -15.30
N LEU D 272 41.09 -7.07 -14.60
CA LEU D 272 41.49 -8.29 -13.93
C LEU D 272 41.71 -9.41 -14.95
N ARG D 273 40.85 -9.44 -15.97
CA ARG D 273 41.02 -10.42 -17.05
C ARG D 273 42.39 -10.24 -17.69
N THR D 274 42.70 -8.99 -18.06
CA THR D 274 43.97 -8.64 -18.69
C THR D 274 45.11 -9.05 -17.77
N TYR D 275 44.96 -8.79 -16.47
CA TYR D 275 45.98 -9.03 -15.46
C TYR D 275 46.36 -10.51 -15.40
N TYR D 276 45.37 -11.40 -15.56
CA TYR D 276 45.63 -12.84 -15.48
C TYR D 276 45.83 -13.47 -16.87
N SER D 277 45.34 -12.83 -17.93
CA SER D 277 45.43 -13.42 -19.25
C SER D 277 46.85 -13.28 -19.79
N THR D 278 47.64 -12.45 -19.09
CA THR D 278 49.01 -12.17 -19.49
C THR D 278 49.87 -11.94 -18.24
S SO4 E . -23.64 -2.86 9.19
O1 SO4 E . -24.99 -3.21 8.81
O2 SO4 E . -23.11 -1.90 8.25
O3 SO4 E . -22.82 -4.04 9.19
O4 SO4 E . -23.66 -2.27 10.51
S SO4 F . -27.58 2.83 21.09
O1 SO4 F . -27.71 2.51 19.69
O2 SO4 F . -28.68 2.26 21.84
O3 SO4 F . -27.60 4.27 21.25
O4 SO4 F . -26.34 2.31 21.59
S SO4 G . -19.86 -15.22 -25.05
O1 SO4 G . -20.93 -15.63 -24.18
O2 SO4 G . -19.97 -13.81 -25.30
O3 SO4 G . -19.94 -15.94 -26.29
O4 SO4 G . -18.60 -15.50 -24.43
S SO4 H . 15.31 25.50 34.63
O1 SO4 H . 15.45 26.91 34.39
O2 SO4 H . 13.96 25.23 35.07
O3 SO4 H . 16.26 25.09 35.63
O4 SO4 H . 15.56 24.78 33.42
S SO4 I . 22.65 21.18 32.29
O1 SO4 I . 22.16 21.82 31.09
O2 SO4 I . 21.75 21.46 33.37
O3 SO4 I . 23.96 21.68 32.60
O4 SO4 I . 22.72 19.76 32.06
C1 GOL J . 28.07 -1.84 -8.67
O1 GOL J . 28.61 -2.91 -9.46
C2 GOL J . 29.07 -1.31 -7.67
O2 GOL J . 29.88 -0.28 -8.26
C3 GOL J . 28.43 -0.81 -6.39
O3 GOL J . 29.13 -1.27 -5.23
S SO4 K . 26.60 -2.65 1.34
O1 SO4 K . 26.65 -2.07 0.02
O2 SO4 K . 25.31 -2.40 1.92
O3 SO4 K . 26.82 -4.06 1.26
O4 SO4 K . 27.62 -2.04 2.16
#